data_3OMH
#
_entry.id   3OMH
#
_cell.length_a   115.229
_cell.length_b   46.707
_cell.length_c   121.493
_cell.angle_alpha   90.00
_cell.angle_beta   101.43
_cell.angle_gamma   90.00
#
_symmetry.space_group_name_H-M   'P 1 21 1'
#
loop_
_entity.id
_entity.type
_entity.pdbx_description
1 polymer 'Tyrosine-protein phosphatase non-receptor type 22'
2 polymer 'Src kinase-associated phosphoprotein 2'
3 water water
#
loop_
_entity_poly.entity_id
_entity_poly.type
_entity_poly.pdbx_seq_one_letter_code
_entity_poly.pdbx_strand_id
1 'polypeptide(L)'
;HHHHHHSSGLVPRGSHMASMDQREILQKFLDEAQSKKITKEEFANEFLKLKRQSTKYKADKTYPTTVAEKPKNIKKNRYK
DILPYDYSRVELSLITSDEDSSYINANFIKGVYGPKAYIATQGPLSTTLLDFWRMIWEYSVLIIVMACMEYEMGKKKCER
YWAEPGEMQLEFGPFSVSCEAEKRKSDYIIRTLKVKFNSETRTIYQFHYKNWPDHDVPSSIDPILELIWDVRCYQEDDSV
PICIHSSAGCGRTGVICAIDYTWMLLKDGIIPENFSVFSLIREMRTQRPSLVQTQEQYELVYNAVLELFKRQM
;
A,B,C,D
2 'polypeptide(L)' DGEE(PTR)DDPF E,F,G,H
#
# COMPACT_ATOMS: atom_id res chain seq x y z
N MET A 20 -26.86 -15.48 -15.01
CA MET A 20 -26.44 -15.12 -13.62
C MET A 20 -25.64 -13.82 -13.61
N ASP A 21 -26.03 -12.90 -12.73
CA ASP A 21 -25.30 -11.64 -12.62
C ASP A 21 -23.93 -11.97 -12.02
N GLN A 22 -23.20 -10.96 -11.54
CA GLN A 22 -21.89 -11.21 -10.96
C GLN A 22 -21.89 -11.97 -9.63
N ARG A 23 -22.39 -11.32 -8.58
CA ARG A 23 -22.44 -11.92 -7.24
C ARG A 23 -22.95 -13.37 -7.27
N GLU A 24 -23.84 -13.65 -8.22
CA GLU A 24 -24.42 -14.98 -8.37
C GLU A 24 -23.39 -16.03 -8.82
N ILE A 25 -22.58 -15.67 -9.80
CA ILE A 25 -21.57 -16.60 -10.31
C ILE A 25 -20.46 -16.84 -9.29
N LEU A 26 -20.32 -15.93 -8.34
CA LEU A 26 -19.31 -16.06 -7.29
C LEU A 26 -19.80 -17.15 -6.32
N GLN A 27 -21.06 -17.03 -5.91
CA GLN A 27 -21.67 -18.00 -5.02
C GLN A 27 -21.44 -19.36 -5.63
N LYS A 28 -21.98 -19.57 -6.83
CA LYS A 28 -21.82 -20.84 -7.52
C LYS A 28 -20.39 -21.34 -7.37
N PHE A 29 -19.44 -20.41 -7.31
CA PHE A 29 -18.03 -20.77 -7.17
C PHE A 29 -17.73 -21.15 -5.72
N LEU A 30 -17.94 -20.22 -4.78
CA LEU A 30 -17.69 -20.49 -3.37
C LEU A 30 -18.48 -21.73 -2.99
N ASP A 31 -19.75 -21.75 -3.36
CA ASP A 31 -20.61 -22.90 -3.07
C ASP A 31 -19.89 -24.18 -3.47
N GLU A 32 -19.45 -24.26 -4.72
CA GLU A 32 -18.74 -25.43 -5.21
C GLU A 32 -17.34 -25.57 -4.66
N ALA A 33 -17.06 -24.89 -3.54
CA ALA A 33 -15.74 -24.96 -2.93
C ALA A 33 -15.74 -25.95 -1.79
N GLN A 34 -16.86 -26.03 -1.06
CA GLN A 34 -16.99 -26.97 0.05
C GLN A 34 -17.04 -28.39 -0.48
N SER A 35 -16.81 -28.53 -1.79
CA SER A 35 -16.80 -29.82 -2.47
C SER A 35 -15.39 -30.04 -2.99
N LYS A 36 -14.96 -29.18 -3.92
CA LYS A 36 -13.63 -29.29 -4.50
C LYS A 36 -12.58 -29.42 -3.40
N LYS A 37 -12.78 -28.69 -2.31
CA LYS A 37 -11.86 -28.73 -1.20
C LYS A 37 -11.72 -30.13 -0.62
N ILE A 38 -12.81 -30.70 -0.13
CA ILE A 38 -12.80 -32.02 0.48
C ILE A 38 -12.41 -33.16 -0.46
N THR A 39 -13.08 -33.26 -1.61
CA THR A 39 -12.80 -34.33 -2.58
C THR A 39 -11.33 -34.76 -2.57
N LYS A 40 -11.11 -36.06 -2.72
CA LYS A 40 -9.75 -36.57 -2.72
C LYS A 40 -8.95 -36.19 -3.96
N GLU A 41 -7.71 -35.79 -3.74
CA GLU A 41 -6.77 -35.39 -4.79
C GLU A 41 -7.33 -34.47 -5.86
N GLU A 42 -8.36 -33.70 -5.51
CA GLU A 42 -8.99 -32.77 -6.44
C GLU A 42 -7.92 -32.13 -7.33
N PHE A 43 -7.10 -31.27 -6.72
CA PHE A 43 -6.04 -30.57 -7.45
C PHE A 43 -5.05 -31.51 -8.11
N ALA A 44 -4.66 -32.57 -7.41
CA ALA A 44 -3.70 -33.53 -7.94
C ALA A 44 -4.16 -34.01 -9.32
N ASN A 45 -5.27 -34.75 -9.35
CA ASN A 45 -5.80 -35.26 -10.61
C ASN A 45 -5.97 -34.11 -11.59
N GLU A 46 -6.39 -32.96 -11.07
CA GLU A 46 -6.58 -31.80 -11.91
C GLU A 46 -5.23 -31.47 -12.53
N PHE A 47 -4.32 -30.96 -11.71
CA PHE A 47 -2.97 -30.61 -12.15
C PHE A 47 -2.33 -31.69 -13.02
N LEU A 48 -2.94 -32.87 -13.05
CA LEU A 48 -2.42 -33.98 -13.86
C LEU A 48 -2.83 -33.80 -15.32
N LYS A 49 -3.95 -33.14 -15.53
CA LYS A 49 -4.49 -32.88 -16.86
C LYS A 49 -3.66 -31.84 -17.59
N LEU A 50 -3.12 -30.88 -16.84
CA LEU A 50 -2.28 -29.85 -17.43
C LEU A 50 -1.02 -30.57 -17.88
N LYS A 51 -0.28 -31.10 -16.91
CA LYS A 51 0.94 -31.86 -17.16
C LYS A 51 0.77 -32.71 -18.40
N ARG A 52 -0.38 -33.37 -18.52
CA ARG A 52 -0.64 -34.21 -19.69
C ARG A 52 -0.79 -33.29 -20.90
N GLN A 53 -1.63 -32.28 -20.75
CA GLN A 53 -1.90 -31.32 -21.81
C GLN A 53 -0.61 -30.98 -22.55
N SER A 54 0.36 -30.45 -21.80
CA SER A 54 1.64 -30.08 -22.37
C SER A 54 2.24 -31.28 -23.08
N THR A 55 1.97 -32.46 -22.55
CA THR A 55 2.50 -33.69 -23.14
C THR A 55 1.94 -33.90 -24.54
N LYS A 56 0.62 -33.93 -24.66
CA LYS A 56 0.02 -34.14 -25.96
C LYS A 56 0.41 -32.97 -26.87
N TYR A 57 0.30 -31.75 -26.36
CA TYR A 57 0.69 -30.59 -27.17
C TYR A 57 2.13 -30.77 -27.62
N LYS A 58 2.89 -31.58 -26.87
CA LYS A 58 4.30 -31.79 -27.19
C LYS A 58 4.61 -32.93 -28.15
N ALA A 59 4.26 -34.17 -27.79
CA ALA A 59 4.55 -35.29 -28.68
C ALA A 59 4.05 -35.03 -30.10
N ASP A 60 3.16 -34.06 -30.24
CA ASP A 60 2.59 -33.72 -31.53
C ASP A 60 3.37 -32.57 -32.18
N LYS A 61 4.35 -32.05 -31.46
CA LYS A 61 5.15 -30.94 -31.95
C LYS A 61 4.24 -29.75 -32.23
N THR A 62 3.17 -29.65 -31.45
CA THR A 62 2.20 -28.56 -31.62
C THR A 62 2.82 -27.16 -31.61
N TYR A 63 3.87 -26.94 -30.82
CA TYR A 63 4.49 -25.60 -30.77
C TYR A 63 5.98 -25.56 -31.03
N PRO A 64 6.39 -25.28 -32.27
CA PRO A 64 7.82 -25.20 -32.60
C PRO A 64 8.55 -24.28 -31.62
N THR A 65 9.86 -24.49 -31.49
CA THR A 65 10.67 -23.68 -30.59
C THR A 65 11.99 -23.25 -31.25
N THR A 66 12.28 -23.85 -32.40
CA THR A 66 13.51 -23.58 -33.16
C THR A 66 14.27 -22.31 -32.85
N VAL A 67 13.56 -21.20 -32.61
CA VAL A 67 14.24 -19.94 -32.32
C VAL A 67 15.17 -20.14 -31.11
N ALA A 68 14.64 -20.71 -30.03
CA ALA A 68 15.44 -20.96 -28.83
C ALA A 68 16.39 -22.12 -29.09
N GLU A 69 15.96 -23.06 -29.91
CA GLU A 69 16.76 -24.22 -30.25
C GLU A 69 18.02 -23.77 -31.00
N LYS A 70 17.99 -22.55 -31.52
CA LYS A 70 19.12 -22.01 -32.26
C LYS A 70 20.38 -21.98 -31.42
N PRO A 71 21.53 -22.31 -32.02
CA PRO A 71 22.79 -22.30 -31.27
C PRO A 71 23.07 -20.95 -30.63
N LYS A 72 22.84 -19.89 -31.41
CA LYS A 72 23.08 -18.52 -30.95
C LYS A 72 22.21 -18.07 -29.77
N ASN A 73 21.39 -18.98 -29.23
CA ASN A 73 20.54 -18.62 -28.11
C ASN A 73 20.59 -19.56 -26.91
N ILE A 74 21.03 -20.79 -27.14
CA ILE A 74 21.09 -21.81 -26.09
C ILE A 74 21.79 -21.36 -24.80
N LYS A 75 22.68 -20.38 -24.91
CA LYS A 75 23.40 -19.85 -23.75
C LYS A 75 22.55 -18.81 -23.02
N LYS A 76 21.57 -18.26 -23.73
CA LYS A 76 20.68 -17.26 -23.16
C LYS A 76 19.49 -17.94 -22.48
N ASN A 77 19.48 -19.27 -22.55
CA ASN A 77 18.42 -20.08 -21.93
C ASN A 77 18.89 -20.50 -20.55
N ARG A 78 18.25 -19.97 -19.50
CA ARG A 78 18.64 -20.29 -18.13
C ARG A 78 18.38 -21.74 -17.76
N TYR A 79 17.30 -22.31 -18.29
CA TYR A 79 16.98 -23.72 -18.03
C TYR A 79 16.81 -24.38 -19.40
N LYS A 80 17.51 -25.50 -19.63
CA LYS A 80 17.42 -26.17 -20.94
C LYS A 80 16.05 -26.75 -21.26
N ASP A 81 15.16 -26.78 -20.28
CA ASP A 81 13.82 -27.30 -20.50
C ASP A 81 12.82 -26.15 -20.69
N ILE A 82 12.90 -25.14 -19.84
CA ILE A 82 12.02 -23.99 -19.93
C ILE A 82 12.33 -23.18 -21.17
N LEU A 83 11.63 -23.42 -22.27
CA LEU A 83 11.89 -22.70 -23.53
C LEU A 83 10.67 -21.93 -24.06
N PRO A 84 10.88 -20.67 -24.46
CA PRO A 84 9.80 -19.82 -24.98
C PRO A 84 9.26 -20.37 -26.29
N TYR A 85 8.01 -20.05 -26.61
CA TYR A 85 7.40 -20.50 -27.85
C TYR A 85 7.57 -19.46 -28.94
N ASP A 86 7.88 -19.92 -30.14
CA ASP A 86 8.04 -19.01 -31.28
C ASP A 86 6.76 -18.21 -31.35
N TYR A 87 5.71 -18.91 -31.77
CA TYR A 87 4.36 -18.38 -31.91
C TYR A 87 4.01 -17.19 -31.00
N SER A 88 4.50 -17.20 -29.75
CA SER A 88 4.18 -16.12 -28.82
C SER A 88 5.33 -15.44 -28.10
N ARG A 89 6.56 -15.80 -28.43
CA ARG A 89 7.72 -15.20 -27.78
C ARG A 89 7.86 -13.73 -28.15
N VAL A 90 8.62 -13.00 -27.35
CA VAL A 90 8.84 -11.58 -27.61
C VAL A 90 10.05 -11.43 -28.57
N GLU A 91 9.87 -10.63 -29.62
CA GLU A 91 10.94 -10.38 -30.58
C GLU A 91 11.54 -9.02 -30.25
N LEU A 92 12.87 -8.94 -30.28
CA LEU A 92 13.54 -7.68 -29.98
C LEU A 92 14.06 -7.04 -31.26
N SER A 93 13.73 -5.76 -31.44
CA SER A 93 14.18 -5.06 -32.63
C SER A 93 15.05 -3.86 -32.31
N LEU A 94 14.78 -3.21 -31.19
CA LEU A 94 15.56 -2.07 -30.77
C LEU A 94 17.03 -2.50 -30.73
N ILE A 95 17.74 -2.29 -31.83
CA ILE A 95 19.14 -2.69 -31.94
C ILE A 95 20.10 -1.87 -31.10
N THR A 96 21.14 -2.53 -30.58
CA THR A 96 22.15 -1.89 -29.74
C THR A 96 23.55 -2.40 -30.09
N SER A 97 23.67 -3.00 -31.27
CA SER A 97 24.93 -3.55 -31.78
C SER A 97 24.67 -4.77 -32.65
N ASP A 98 25.68 -5.19 -33.40
CA ASP A 98 25.56 -6.37 -34.25
C ASP A 98 25.79 -7.56 -33.30
N GLU A 99 26.21 -7.23 -32.08
CA GLU A 99 26.46 -8.22 -31.04
C GLU A 99 25.13 -8.70 -30.48
N ASP A 100 24.04 -8.38 -31.16
CA ASP A 100 22.73 -8.77 -30.67
C ASP A 100 22.01 -9.84 -31.49
N SER A 101 20.71 -9.95 -31.23
CA SER A 101 19.84 -10.91 -31.88
C SER A 101 18.43 -10.43 -31.57
N SER A 102 17.43 -11.10 -32.15
CA SER A 102 16.03 -10.74 -31.92
C SER A 102 15.48 -11.52 -30.73
N TYR A 103 16.09 -12.69 -30.51
CA TYR A 103 15.71 -13.63 -29.45
C TYR A 103 15.84 -13.20 -27.99
N ILE A 104 15.02 -13.82 -27.16
CA ILE A 104 14.99 -13.61 -25.72
C ILE A 104 14.20 -14.76 -25.14
N ASN A 105 14.18 -14.86 -23.82
CA ASN A 105 13.42 -15.92 -23.19
C ASN A 105 12.23 -15.25 -22.50
N ALA A 106 11.12 -15.15 -23.24
CA ALA A 106 9.92 -14.53 -22.71
C ALA A 106 8.80 -14.68 -23.70
N ASN A 107 7.58 -14.76 -23.18
CA ASN A 107 6.42 -14.90 -24.07
C ASN A 107 5.35 -13.89 -23.76
N PHE A 108 4.55 -13.59 -24.77
CA PHE A 108 3.46 -12.68 -24.61
C PHE A 108 2.32 -13.50 -24.00
N ILE A 109 1.59 -12.89 -23.07
CA ILE A 109 0.46 -13.56 -22.44
C ILE A 109 -0.74 -12.64 -22.50
N LYS A 110 -1.77 -13.08 -23.23
CA LYS A 110 -2.98 -12.28 -23.40
C LYS A 110 -3.69 -11.97 -22.09
N GLY A 111 -4.37 -10.83 -22.07
CA GLY A 111 -5.11 -10.42 -20.89
C GLY A 111 -6.60 -10.43 -21.20
N VAL A 112 -7.42 -10.19 -20.18
CA VAL A 112 -8.86 -10.19 -20.34
C VAL A 112 -9.40 -9.56 -21.62
N TYR A 113 -8.82 -8.45 -22.05
CA TYR A 113 -9.30 -7.76 -23.26
C TYR A 113 -8.42 -7.83 -24.51
N GLY A 114 -7.14 -8.12 -24.36
CA GLY A 114 -6.27 -8.19 -25.52
C GLY A 114 -4.99 -8.99 -25.34
N PRO A 115 -4.26 -9.24 -26.44
CA PRO A 115 -3.02 -10.00 -26.36
C PRO A 115 -1.90 -9.15 -25.74
N LYS A 116 -0.65 -9.59 -25.88
CA LYS A 116 0.51 -8.87 -25.33
C LYS A 116 0.21 -8.09 -24.02
N ALA A 117 -0.47 -8.69 -23.05
CA ALA A 117 -0.77 -7.97 -21.81
C ALA A 117 0.11 -8.38 -20.63
N TYR A 118 0.87 -9.45 -20.81
CA TYR A 118 1.81 -9.98 -19.82
C TYR A 118 3.09 -10.46 -20.51
N ILE A 119 4.25 -10.13 -19.95
CA ILE A 119 5.51 -10.59 -20.53
C ILE A 119 6.22 -11.48 -19.52
N ALA A 120 5.91 -12.77 -19.57
CA ALA A 120 6.52 -13.74 -18.66
C ALA A 120 7.91 -14.04 -19.19
N THR A 121 8.92 -13.64 -18.43
CA THR A 121 10.31 -13.83 -18.83
C THR A 121 11.11 -14.47 -17.69
N GLN A 122 12.24 -15.09 -18.02
CA GLN A 122 13.06 -15.75 -16.99
C GLN A 122 13.90 -14.79 -16.16
N GLY A 123 14.74 -15.36 -15.30
CA GLY A 123 15.64 -14.55 -14.49
C GLY A 123 16.73 -14.22 -15.49
N PRO A 124 17.11 -12.95 -15.65
CA PRO A 124 18.14 -12.67 -16.64
C PRO A 124 19.50 -13.22 -16.27
N LEU A 125 20.15 -13.86 -17.24
CA LEU A 125 21.48 -14.40 -17.03
C LEU A 125 22.38 -13.18 -17.16
N SER A 126 23.69 -13.39 -17.12
CA SER A 126 24.60 -12.26 -17.25
C SER A 126 24.62 -11.90 -18.72
N THR A 127 24.62 -12.93 -19.54
CA THR A 127 24.66 -12.79 -20.99
C THR A 127 23.39 -12.15 -21.56
N THR A 128 22.48 -11.72 -20.70
CA THR A 128 21.23 -11.15 -21.20
C THR A 128 20.66 -9.93 -20.48
N LEU A 129 21.42 -9.36 -19.54
CA LEU A 129 20.93 -8.18 -18.82
C LEU A 129 20.61 -7.06 -19.82
N LEU A 130 21.30 -7.11 -20.96
CA LEU A 130 21.12 -6.14 -22.04
C LEU A 130 19.76 -6.35 -22.69
N ASP A 131 19.56 -7.57 -23.21
CA ASP A 131 18.33 -7.96 -23.86
C ASP A 131 17.16 -7.66 -22.93
N PHE A 132 17.41 -7.86 -21.65
CA PHE A 132 16.38 -7.59 -20.66
C PHE A 132 15.95 -6.14 -20.78
N TRP A 133 16.93 -5.25 -20.89
CA TRP A 133 16.67 -3.82 -20.99
C TRP A 133 16.25 -3.35 -22.37
N ARG A 134 16.53 -4.15 -23.39
CA ARG A 134 16.09 -3.80 -24.72
C ARG A 134 14.58 -4.06 -24.69
N MET A 135 14.21 -5.19 -24.11
CA MET A 135 12.81 -5.60 -23.99
C MET A 135 11.97 -4.58 -23.22
N ILE A 136 12.39 -4.26 -21.99
CA ILE A 136 11.67 -3.30 -21.16
C ILE A 136 11.57 -1.92 -21.83
N TRP A 137 12.48 -1.66 -22.75
CA TRP A 137 12.51 -0.38 -23.42
C TRP A 137 11.77 -0.37 -24.73
N GLU A 138 11.95 -1.41 -25.54
CA GLU A 138 11.29 -1.49 -26.84
C GLU A 138 9.85 -1.94 -26.70
N TYR A 139 9.27 -1.73 -25.52
CA TYR A 139 7.89 -2.12 -25.27
C TYR A 139 7.37 -1.28 -24.13
N SER A 140 7.92 -0.07 -24.04
CA SER A 140 7.56 0.92 -23.04
C SER A 140 7.04 0.31 -21.75
N VAL A 141 7.75 -0.71 -21.27
CA VAL A 141 7.36 -1.38 -20.03
C VAL A 141 7.37 -0.33 -18.94
N LEU A 142 6.46 -0.44 -17.99
CA LEU A 142 6.37 0.52 -16.89
C LEU A 142 6.52 -0.18 -15.54
N ILE A 143 6.38 -1.51 -15.55
CA ILE A 143 6.49 -2.27 -14.32
C ILE A 143 7.06 -3.66 -14.51
N ILE A 144 7.89 -4.05 -13.54
CA ILE A 144 8.52 -5.35 -13.52
C ILE A 144 8.17 -5.93 -12.16
N VAL A 145 7.96 -7.24 -12.10
CA VAL A 145 7.64 -7.89 -10.85
C VAL A 145 8.54 -9.10 -10.68
N MET A 146 9.53 -8.96 -9.81
CA MET A 146 10.47 -10.03 -9.54
C MET A 146 9.81 -10.96 -8.54
N ALA A 147 9.56 -12.20 -8.97
CA ALA A 147 8.96 -13.20 -8.10
C ALA A 147 9.97 -14.30 -7.83
N CYS A 148 10.91 -13.97 -6.95
CA CYS A 148 11.97 -14.86 -6.50
C CYS A 148 13.07 -14.01 -5.85
N MET A 149 14.09 -14.67 -5.34
CA MET A 149 15.22 -14.00 -4.68
C MET A 149 16.48 -14.25 -5.50
N GLU A 150 17.54 -13.53 -5.17
CA GLU A 150 18.80 -13.69 -5.88
C GLU A 150 19.42 -15.06 -5.57
N TYR A 151 19.09 -15.59 -4.39
CA TYR A 151 19.61 -16.88 -3.96
C TYR A 151 18.54 -17.85 -3.45
N GLU A 152 18.53 -19.05 -4.02
CA GLU A 152 17.54 -20.05 -3.61
C GLU A 152 18.16 -21.44 -3.61
N MET A 153 18.00 -22.15 -2.50
CA MET A 153 18.53 -23.50 -2.35
C MET A 153 20.06 -23.50 -2.46
N GLY A 154 20.68 -22.47 -1.90
CA GLY A 154 22.13 -22.35 -1.96
C GLY A 154 22.56 -22.40 -3.41
N LYS A 155 21.75 -21.76 -4.26
CA LYS A 155 22.00 -21.71 -5.69
C LYS A 155 21.52 -20.39 -6.26
N LYS A 156 22.23 -19.90 -7.29
CA LYS A 156 21.86 -18.66 -7.95
C LYS A 156 20.59 -18.90 -8.76
N LYS A 157 19.74 -17.88 -8.80
CA LYS A 157 18.48 -17.96 -9.53
C LYS A 157 18.33 -16.82 -10.53
N CYS A 158 18.46 -15.60 -10.02
CA CYS A 158 18.33 -14.41 -10.83
C CYS A 158 19.56 -13.53 -10.76
N GLU A 159 20.03 -13.05 -11.91
CA GLU A 159 21.20 -12.18 -11.91
C GLU A 159 20.71 -10.77 -11.54
N ARG A 160 21.62 -9.87 -11.20
CA ARG A 160 21.23 -8.51 -10.83
C ARG A 160 21.00 -7.61 -12.03
N TYR A 161 19.83 -6.96 -12.07
CA TYR A 161 19.48 -6.06 -13.16
C TYR A 161 19.08 -4.69 -12.66
N TRP A 162 18.85 -4.56 -11.36
CA TRP A 162 18.43 -3.29 -10.81
C TRP A 162 19.49 -2.40 -10.16
N ALA A 163 19.06 -1.40 -9.38
CA ALA A 163 19.97 -0.47 -8.73
C ALA A 163 19.45 -0.04 -7.36
N GLU A 164 20.34 0.04 -6.39
CA GLU A 164 19.94 0.39 -5.02
C GLU A 164 20.60 1.65 -4.43
N PRO A 165 19.88 2.34 -3.52
CA PRO A 165 20.33 3.57 -2.86
C PRO A 165 21.83 3.77 -2.64
N GLY A 166 22.27 5.01 -2.83
CA GLY A 166 23.67 5.36 -2.68
C GLY A 166 24.59 4.53 -3.56
N GLU A 167 24.01 3.73 -4.44
CA GLU A 167 24.79 2.86 -5.32
C GLU A 167 25.18 3.49 -6.64
N MET A 168 24.69 4.70 -6.88
CA MET A 168 24.98 5.44 -8.13
C MET A 168 24.06 4.97 -9.26
N GLN A 169 24.64 4.33 -10.28
CA GLN A 169 23.88 3.85 -11.42
C GLN A 169 24.63 2.75 -12.16
N LEU A 170 23.94 1.67 -12.51
CA LEU A 170 24.57 0.56 -13.21
C LEU A 170 24.42 0.72 -14.72
N GLU A 171 25.43 0.26 -15.46
CA GLU A 171 25.46 0.39 -16.91
C GLU A 171 25.41 -0.93 -17.67
N PHE A 172 24.32 -1.15 -18.39
CA PHE A 172 24.14 -2.37 -19.18
C PHE A 172 24.18 -1.96 -20.63
N GLY A 173 25.16 -2.48 -21.37
CA GLY A 173 25.28 -2.13 -22.78
C GLY A 173 25.10 -0.63 -22.91
N PRO A 174 24.03 -0.17 -23.58
CA PRO A 174 23.81 1.27 -23.74
C PRO A 174 22.83 1.82 -22.70
N PHE A 175 22.31 0.94 -21.86
CA PHE A 175 21.35 1.36 -20.85
C PHE A 175 21.98 1.76 -19.54
N SER A 176 21.37 2.74 -18.89
CA SER A 176 21.87 3.23 -17.62
C SER A 176 20.80 3.24 -16.54
N VAL A 177 20.85 2.26 -15.64
CA VAL A 177 19.88 2.17 -14.55
C VAL A 177 20.40 2.84 -13.30
N SER A 178 19.49 3.46 -12.55
CA SER A 178 19.83 4.15 -11.32
C SER A 178 18.65 3.98 -10.39
N CYS A 179 18.87 4.25 -9.11
CA CYS A 179 17.80 4.11 -8.12
C CYS A 179 17.46 5.47 -7.51
N GLU A 180 16.18 5.80 -7.51
CA GLU A 180 15.72 7.08 -6.99
C GLU A 180 15.21 6.94 -5.57
N ALA A 181 14.52 5.82 -5.30
CA ALA A 181 13.98 5.56 -3.97
C ALA A 181 13.32 4.19 -3.89
N GLU A 182 13.20 3.68 -2.67
CA GLU A 182 12.60 2.37 -2.42
C GLU A 182 11.44 2.51 -1.46
N LYS A 183 10.57 1.51 -1.47
CA LYS A 183 9.42 1.48 -0.60
C LYS A 183 9.38 0.10 0.07
N ARG A 184 9.48 0.08 1.39
CA ARG A 184 9.47 -1.16 2.13
C ARG A 184 8.06 -1.49 2.60
N LYS A 185 7.53 -2.61 2.11
CA LYS A 185 6.19 -3.05 2.48
C LYS A 185 6.20 -4.52 2.85
N SER A 186 5.90 -4.82 4.11
CA SER A 186 5.87 -6.19 4.62
C SER A 186 6.81 -7.16 3.88
N ASP A 187 6.23 -8.07 3.10
CA ASP A 187 7.03 -9.06 2.37
C ASP A 187 7.27 -8.65 0.91
N TYR A 188 7.46 -7.36 0.66
CA TYR A 188 7.69 -6.91 -0.70
C TYR A 188 8.14 -5.45 -0.79
N ILE A 189 9.07 -5.18 -1.72
CA ILE A 189 9.63 -3.82 -1.90
C ILE A 189 9.33 -3.17 -3.24
N ILE A 190 9.23 -1.84 -3.23
CA ILE A 190 8.96 -1.07 -4.44
C ILE A 190 10.16 -0.21 -4.80
N ARG A 191 10.93 -0.66 -5.78
CA ARG A 191 12.10 0.09 -6.21
C ARG A 191 11.72 0.97 -7.39
N THR A 192 12.06 2.26 -7.29
CA THR A 192 11.78 3.21 -8.35
C THR A 192 13.06 3.39 -9.17
N LEU A 193 13.08 2.88 -10.39
CA LEU A 193 14.25 2.99 -11.26
C LEU A 193 14.18 4.18 -12.19
N LYS A 194 15.31 4.47 -12.82
CA LYS A 194 15.45 5.56 -13.77
C LYS A 194 16.38 5.07 -14.87
N VAL A 195 15.82 4.42 -15.89
CA VAL A 195 16.64 3.91 -16.98
C VAL A 195 16.81 4.96 -18.08
N LYS A 196 18.06 5.20 -18.48
CA LYS A 196 18.34 6.19 -19.52
C LYS A 196 18.92 5.60 -20.79
N PHE A 197 18.50 6.12 -21.92
CA PHE A 197 18.94 5.66 -23.23
C PHE A 197 18.98 6.88 -24.13
N ASN A 198 19.93 6.89 -25.06
CA ASN A 198 20.12 7.98 -26.01
C ASN A 198 19.32 9.25 -25.72
N SER A 199 19.60 9.86 -24.57
CA SER A 199 18.97 11.11 -24.15
C SER A 199 17.65 11.01 -23.42
N GLU A 200 17.03 9.83 -23.48
CA GLU A 200 15.73 9.62 -22.83
C GLU A 200 15.85 9.15 -21.38
N THR A 201 14.83 9.47 -20.56
CA THR A 201 14.83 9.10 -19.15
C THR A 201 13.44 8.67 -18.65
N ARG A 202 13.08 7.41 -18.87
CA ARG A 202 11.77 6.90 -18.43
C ARG A 202 11.83 6.54 -16.94
N THR A 203 10.68 6.23 -16.36
CA THR A 203 10.61 5.83 -14.95
C THR A 203 10.20 4.37 -14.93
N ILE A 204 10.67 3.60 -13.95
CA ILE A 204 10.32 2.18 -13.88
C ILE A 204 10.07 1.78 -12.44
N TYR A 205 8.87 1.28 -12.16
CA TYR A 205 8.53 0.84 -10.80
C TYR A 205 8.60 -0.67 -10.68
N GLN A 206 9.80 -1.19 -10.44
CA GLN A 206 10.02 -2.63 -10.27
C GLN A 206 9.57 -3.05 -8.88
N PHE A 207 8.95 -4.23 -8.80
CA PHE A 207 8.48 -4.77 -7.53
C PHE A 207 9.27 -6.00 -7.13
N HIS A 208 9.59 -6.12 -5.84
CA HIS A 208 10.34 -7.26 -5.35
C HIS A 208 9.57 -8.04 -4.32
N TYR A 209 9.35 -9.31 -4.64
CA TYR A 209 8.63 -10.21 -3.75
C TYR A 209 9.55 -11.35 -3.33
N LYS A 210 9.82 -11.44 -2.03
CA LYS A 210 10.68 -12.51 -1.53
C LYS A 210 9.97 -13.59 -0.73
N ASN A 211 8.89 -13.22 -0.04
CA ASN A 211 8.15 -14.19 0.76
C ASN A 211 6.98 -14.80 0.00
N TRP A 212 7.16 -16.03 -0.49
CA TRP A 212 6.09 -16.70 -1.21
C TRP A 212 5.01 -17.14 -0.22
N PRO A 213 3.73 -17.00 -0.60
CA PRO A 213 2.59 -17.37 0.24
C PRO A 213 2.58 -18.85 0.64
N ASP A 214 1.98 -19.18 1.78
CA ASP A 214 1.93 -20.59 2.19
C ASP A 214 0.64 -21.21 1.65
N HIS A 215 0.75 -21.77 0.44
CA HIS A 215 -0.37 -22.40 -0.26
C HIS A 215 -1.33 -23.09 0.71
N ASP A 216 -0.79 -23.66 1.77
CA ASP A 216 -1.64 -24.33 2.75
C ASP A 216 -2.23 -23.33 3.73
N VAL A 217 -1.38 -22.52 4.36
CA VAL A 217 -1.90 -21.54 5.31
C VAL A 217 -2.67 -20.44 4.57
N PRO A 218 -3.87 -20.10 5.06
CA PRO A 218 -4.73 -19.06 4.47
C PRO A 218 -4.15 -17.66 4.62
N SER A 219 -4.17 -17.18 5.86
CA SER A 219 -3.68 -15.85 6.21
C SER A 219 -2.27 -15.50 5.73
N SER A 220 -1.70 -16.33 4.85
CA SER A 220 -0.36 -16.06 4.34
C SER A 220 -0.39 -15.78 2.84
N ILE A 221 -1.58 -15.56 2.28
CA ILE A 221 -1.70 -15.26 0.85
C ILE A 221 -2.13 -13.83 0.56
N ASP A 222 -2.31 -13.04 1.62
CA ASP A 222 -2.69 -11.64 1.46
C ASP A 222 -1.55 -10.86 0.81
N PRO A 223 -0.29 -11.17 1.18
CA PRO A 223 0.87 -10.49 0.61
C PRO A 223 0.91 -10.48 -0.91
N ILE A 224 0.55 -11.60 -1.53
CA ILE A 224 0.57 -11.67 -2.98
C ILE A 224 -0.58 -10.86 -3.55
N LEU A 225 -1.69 -10.80 -2.82
CA LEU A 225 -2.82 -10.03 -3.29
C LEU A 225 -2.38 -8.59 -3.16
N GLU A 226 -1.83 -8.25 -2.01
CA GLU A 226 -1.34 -6.89 -1.75
C GLU A 226 -0.42 -6.41 -2.86
N LEU A 227 0.57 -7.22 -3.21
CA LEU A 227 1.50 -6.85 -4.28
C LEU A 227 0.73 -6.53 -5.55
N ILE A 228 -0.08 -7.49 -5.98
CA ILE A 228 -0.89 -7.34 -7.20
C ILE A 228 -1.85 -6.17 -7.05
N TRP A 229 -2.33 -5.94 -5.83
CA TRP A 229 -3.23 -4.81 -5.60
C TRP A 229 -2.50 -3.48 -5.74
N ASP A 230 -1.20 -3.48 -5.45
CA ASP A 230 -0.40 -2.27 -5.54
C ASP A 230 0.15 -2.05 -6.94
N VAL A 231 0.41 -3.11 -7.67
CA VAL A 231 0.90 -2.96 -9.02
C VAL A 231 -0.20 -2.31 -9.86
N ARG A 232 -1.41 -2.89 -9.80
CA ARG A 232 -2.54 -2.38 -10.55
C ARG A 232 -3.01 -1.07 -9.93
N CYS A 233 -2.41 -0.69 -8.82
CA CYS A 233 -2.75 0.56 -8.19
C CYS A 233 -1.70 1.52 -8.69
N TYR A 234 -0.98 1.09 -9.72
CA TYR A 234 0.08 1.87 -10.35
C TYR A 234 -0.23 1.97 -11.85
N GLN A 235 -0.54 0.84 -12.47
CA GLN A 235 -0.86 0.77 -13.89
C GLN A 235 -2.23 0.09 -14.10
N GLU A 236 -3.29 0.69 -13.56
CA GLU A 236 -4.64 0.14 -13.68
C GLU A 236 -5.02 -0.40 -15.06
N ASP A 237 -4.85 0.41 -16.09
CA ASP A 237 -5.21 0.00 -17.46
C ASP A 237 -4.32 -1.12 -17.98
N ASP A 238 -4.30 -1.29 -19.31
CA ASP A 238 -3.51 -2.33 -19.96
C ASP A 238 -2.73 -1.77 -21.14
N SER A 239 -2.45 -0.47 -21.09
CA SER A 239 -1.72 0.24 -22.15
C SER A 239 -0.41 -0.43 -22.53
N VAL A 240 0.40 -0.76 -21.52
CA VAL A 240 1.68 -1.40 -21.75
C VAL A 240 1.77 -2.72 -21.01
N PRO A 241 2.58 -3.65 -21.54
CA PRO A 241 2.79 -4.99 -20.98
C PRO A 241 3.41 -4.89 -19.60
N ILE A 242 3.08 -5.87 -18.76
CA ILE A 242 3.65 -5.88 -17.43
C ILE A 242 4.60 -7.04 -17.41
N CYS A 243 5.89 -6.73 -17.24
CA CYS A 243 6.93 -7.74 -17.19
C CYS A 243 6.86 -8.53 -15.88
N ILE A 244 6.83 -9.86 -15.99
CA ILE A 244 6.78 -10.73 -14.81
C ILE A 244 7.81 -11.83 -14.98
N HIS A 245 8.55 -11.89 -13.98
CA HIS A 245 9.58 -12.91 -14.03
C HIS A 245 9.81 -13.55 -12.68
N SER A 246 10.36 -14.76 -12.72
CA SER A 246 10.69 -15.55 -11.53
C SER A 246 12.06 -16.13 -11.86
N SER A 247 12.37 -17.32 -11.34
CA SER A 247 13.65 -17.91 -11.68
C SER A 247 13.57 -18.37 -13.13
N ALA A 248 12.49 -19.13 -13.55
CA ALA A 248 12.32 -19.52 -14.95
C ALA A 248 11.24 -18.70 -15.63
N GLY A 249 10.56 -17.87 -14.84
CA GLY A 249 9.47 -17.10 -15.39
C GLY A 249 8.37 -18.08 -15.77
N CYS A 250 8.06 -18.97 -14.83
CA CYS A 250 7.02 -19.98 -14.99
C CYS A 250 6.29 -20.01 -13.68
N GLY A 251 6.51 -21.08 -12.92
CA GLY A 251 5.88 -21.25 -11.63
C GLY A 251 5.29 -19.99 -11.05
N ARG A 252 6.00 -19.39 -10.11
CA ARG A 252 5.52 -18.17 -9.46
C ARG A 252 5.03 -17.09 -10.42
N THR A 253 5.57 -17.07 -11.64
CA THR A 253 5.18 -16.08 -12.64
C THR A 253 3.70 -16.24 -13.06
N GLY A 254 3.33 -17.41 -13.58
CA GLY A 254 1.96 -17.65 -13.98
C GLY A 254 0.96 -17.51 -12.84
N VAL A 255 1.45 -17.53 -11.62
CA VAL A 255 0.57 -17.40 -10.46
C VAL A 255 0.13 -15.95 -10.32
N ILE A 256 1.08 -15.03 -10.51
CA ILE A 256 0.80 -13.62 -10.38
C ILE A 256 0.06 -13.06 -11.59
N CYS A 257 0.02 -13.84 -12.66
CA CYS A 257 -0.69 -13.43 -13.87
C CYS A 257 -2.14 -13.87 -13.72
N ALA A 258 -2.32 -15.11 -13.31
CA ALA A 258 -3.64 -15.70 -13.14
C ALA A 258 -4.43 -15.06 -12.00
N ILE A 259 -3.74 -14.58 -10.97
CA ILE A 259 -4.44 -13.96 -9.84
C ILE A 259 -4.79 -12.53 -10.21
N ASP A 260 -4.14 -12.03 -11.25
CA ASP A 260 -4.39 -10.66 -11.70
C ASP A 260 -5.52 -10.68 -12.73
N TYR A 261 -5.32 -11.50 -13.76
CA TYR A 261 -6.26 -11.69 -14.85
C TYR A 261 -7.65 -11.95 -14.24
N THR A 262 -7.71 -12.85 -13.27
CA THR A 262 -8.96 -13.18 -12.60
C THR A 262 -9.52 -12.00 -11.82
N TRP A 263 -8.64 -11.18 -11.27
CA TRP A 263 -9.07 -10.00 -10.50
C TRP A 263 -9.44 -8.90 -11.45
N MET A 264 -9.01 -9.03 -12.70
CA MET A 264 -9.33 -8.02 -13.70
C MET A 264 -10.80 -8.18 -13.96
N LEU A 265 -11.20 -9.44 -14.13
CA LEU A 265 -12.59 -9.78 -14.35
C LEU A 265 -13.39 -9.34 -13.13
N LEU A 266 -12.92 -9.71 -11.94
CA LEU A 266 -13.59 -9.32 -10.70
C LEU A 266 -13.79 -7.82 -10.61
N LYS A 267 -12.67 -7.08 -10.64
CA LYS A 267 -12.67 -5.61 -10.56
C LYS A 267 -13.64 -4.98 -11.55
N ASP A 268 -13.94 -5.69 -12.62
CA ASP A 268 -14.87 -5.19 -13.61
C ASP A 268 -15.93 -6.24 -13.83
N GLY A 269 -17.03 -6.15 -13.07
CA GLY A 269 -18.11 -7.11 -13.17
C GLY A 269 -18.17 -7.93 -14.45
N ILE A 270 -17.17 -8.79 -14.67
CA ILE A 270 -17.16 -9.60 -15.87
C ILE A 270 -16.64 -11.02 -15.67
N ILE A 271 -16.93 -11.60 -14.50
CA ILE A 271 -16.51 -12.97 -14.22
C ILE A 271 -17.44 -13.91 -14.97
N PRO A 272 -16.90 -14.71 -15.91
CA PRO A 272 -17.71 -15.66 -16.69
C PRO A 272 -18.60 -16.55 -15.83
N GLU A 273 -19.71 -17.00 -16.40
CA GLU A 273 -20.62 -17.86 -15.66
C GLU A 273 -19.93 -19.20 -15.42
N ASN A 274 -19.16 -19.65 -16.42
CA ASN A 274 -18.45 -20.91 -16.34
C ASN A 274 -16.96 -20.70 -16.08
N PHE A 275 -16.63 -19.67 -15.31
CA PHE A 275 -15.24 -19.37 -15.00
C PHE A 275 -14.56 -20.53 -14.27
N SER A 276 -13.36 -20.91 -14.72
CA SER A 276 -12.65 -22.02 -14.11
C SER A 276 -11.15 -21.81 -14.04
N VAL A 277 -10.64 -21.66 -12.83
CA VAL A 277 -9.22 -21.47 -12.59
C VAL A 277 -8.40 -22.41 -13.48
N PHE A 278 -8.95 -23.60 -13.75
CA PHE A 278 -8.29 -24.63 -14.55
C PHE A 278 -8.15 -24.30 -16.05
N SER A 279 -9.20 -23.75 -16.63
CA SER A 279 -9.16 -23.41 -18.04
C SER A 279 -8.32 -22.17 -18.22
N LEU A 280 -8.49 -21.22 -17.30
CA LEU A 280 -7.69 -20.00 -17.35
C LEU A 280 -6.21 -20.41 -17.44
N ILE A 281 -5.76 -21.17 -16.44
CA ILE A 281 -4.39 -21.63 -16.40
C ILE A 281 -4.07 -22.50 -17.61
N ARG A 282 -4.98 -23.40 -17.96
CA ARG A 282 -4.73 -24.26 -19.11
C ARG A 282 -4.33 -23.40 -20.31
N GLU A 283 -5.13 -22.35 -20.54
CA GLU A 283 -4.93 -21.44 -21.66
C GLU A 283 -3.54 -20.83 -21.68
N MET A 284 -3.24 -19.93 -20.74
CA MET A 284 -1.94 -19.28 -20.67
C MET A 284 -0.85 -20.22 -21.12
N ARG A 285 -0.87 -21.41 -20.54
CA ARG A 285 0.09 -22.45 -20.83
C ARG A 285 0.16 -22.86 -22.28
N THR A 286 -0.55 -22.13 -23.14
CA THR A 286 -0.53 -22.42 -24.58
C THR A 286 0.29 -21.27 -25.18
N GLN A 287 0.42 -20.21 -24.40
CA GLN A 287 1.18 -19.04 -24.81
C GLN A 287 2.58 -19.10 -24.23
N ARG A 288 2.67 -19.54 -22.97
CA ARG A 288 3.93 -19.67 -22.25
C ARG A 288 4.02 -21.06 -21.61
N PRO A 289 5.04 -21.86 -21.98
CA PRO A 289 5.20 -23.20 -21.43
C PRO A 289 5.20 -23.26 -19.90
N SER A 290 5.01 -24.47 -19.40
CA SER A 290 5.00 -24.76 -17.97
C SER A 290 4.52 -23.68 -17.01
N LEU A 291 3.56 -22.85 -17.42
CA LEU A 291 3.06 -21.81 -16.53
C LEU A 291 2.37 -22.50 -15.35
N VAL A 292 2.71 -22.11 -14.13
CA VAL A 292 2.14 -22.76 -12.94
C VAL A 292 2.74 -24.17 -13.07
N GLN A 293 3.91 -24.37 -12.44
CA GLN A 293 4.64 -25.62 -12.54
C GLN A 293 4.37 -26.77 -11.57
N THR A 294 3.71 -26.48 -10.44
CA THR A 294 3.41 -27.55 -9.49
C THR A 294 2.06 -27.44 -8.83
N GLN A 295 1.64 -28.56 -8.25
CA GLN A 295 0.37 -28.66 -7.55
C GLN A 295 0.23 -27.61 -6.46
N GLU A 296 1.25 -27.48 -5.60
CA GLU A 296 1.19 -26.52 -4.51
C GLU A 296 0.92 -25.11 -5.03
N GLN A 297 1.37 -24.83 -6.26
CA GLN A 297 1.15 -23.51 -6.84
C GLN A 297 -0.26 -23.46 -7.42
N TYR A 298 -0.65 -24.54 -8.09
CA TYR A 298 -1.98 -24.64 -8.67
C TYR A 298 -3.04 -24.43 -7.59
N GLU A 299 -2.67 -24.67 -6.34
CA GLU A 299 -3.62 -24.52 -5.25
C GLU A 299 -3.64 -23.10 -4.71
N LEU A 300 -2.51 -22.40 -4.87
CA LEU A 300 -2.38 -21.02 -4.40
C LEU A 300 -3.21 -20.10 -5.26
N VAL A 301 -3.15 -20.32 -6.57
CA VAL A 301 -3.89 -19.54 -7.53
C VAL A 301 -5.36 -19.58 -7.12
N TYR A 302 -5.87 -20.81 -7.02
CA TYR A 302 -7.26 -21.07 -6.63
C TYR A 302 -7.62 -20.49 -5.25
N ASN A 303 -6.86 -20.87 -4.22
CA ASN A 303 -7.12 -20.36 -2.87
C ASN A 303 -7.20 -18.84 -2.87
N ALA A 304 -6.26 -18.20 -3.58
CA ALA A 304 -6.20 -16.75 -3.69
C ALA A 304 -7.47 -16.26 -4.37
N VAL A 305 -7.79 -16.86 -5.52
CA VAL A 305 -8.99 -16.52 -6.28
C VAL A 305 -10.20 -16.72 -5.38
N LEU A 306 -10.12 -17.73 -4.51
CA LEU A 306 -11.22 -18.05 -3.60
C LEU A 306 -11.26 -17.10 -2.40
N GLU A 307 -10.14 -16.45 -2.10
CA GLU A 307 -10.08 -15.49 -1.00
C GLU A 307 -10.49 -14.13 -1.58
N LEU A 308 -10.24 -13.94 -2.87
CA LEU A 308 -10.61 -12.69 -3.54
C LEU A 308 -12.12 -12.63 -3.74
N PHE A 309 -12.69 -13.72 -4.24
CA PHE A 309 -14.13 -13.78 -4.45
C PHE A 309 -14.81 -13.49 -3.13
N LYS A 310 -14.42 -14.23 -2.09
CA LYS A 310 -15.02 -14.03 -0.77
C LYS A 310 -15.03 -12.57 -0.36
N ARG A 311 -14.07 -11.81 -0.86
CA ARG A 311 -13.95 -10.39 -0.53
C ARG A 311 -14.89 -9.48 -1.33
N GLN A 312 -15.18 -9.88 -2.57
CA GLN A 312 -16.05 -9.09 -3.44
C GLN A 312 -17.49 -9.05 -2.93
N MET A 313 -17.84 -9.97 -2.04
CA MET A 313 -19.20 -10.04 -1.50
C MET A 313 -19.58 -8.82 -0.66
N MET B 20 63.45 8.64 22.03
CA MET B 20 62.87 9.20 23.28
C MET B 20 61.55 8.51 23.58
N ASP B 21 60.74 9.15 24.43
CA ASP B 21 59.43 8.62 24.80
C ASP B 21 58.53 8.75 23.59
N GLN B 22 57.59 7.81 23.47
CA GLN B 22 56.66 7.82 22.35
C GLN B 22 56.09 9.23 22.14
N ARG B 23 55.49 9.79 23.18
CA ARG B 23 54.92 11.13 23.11
C ARG B 23 55.90 12.04 22.40
N GLU B 24 57.16 12.00 22.82
CA GLU B 24 58.19 12.82 22.21
C GLU B 24 58.43 12.38 20.77
N ILE B 25 58.66 11.08 20.59
CA ILE B 25 58.90 10.53 19.27
C ILE B 25 57.78 10.94 18.31
N LEU B 26 56.61 11.22 18.88
CA LEU B 26 55.46 11.61 18.09
C LEU B 26 55.58 13.06 17.62
N GLN B 27 55.69 13.98 18.56
CA GLN B 27 55.82 15.40 18.24
C GLN B 27 56.67 15.61 17.01
N LYS B 28 57.86 15.01 16.99
CA LYS B 28 58.77 15.13 15.87
C LYS B 28 58.05 14.93 14.53
N PHE B 29 57.16 13.95 14.49
CA PHE B 29 56.39 13.65 13.28
C PHE B 29 55.28 14.69 13.06
N LEU B 30 54.61 15.08 14.13
CA LEU B 30 53.53 16.05 14.05
C LEU B 30 53.99 17.42 13.56
N ASP B 31 55.19 17.82 13.96
CA ASP B 31 55.72 19.12 13.53
C ASP B 31 56.09 19.04 12.05
N GLU B 32 56.54 17.85 11.62
CA GLU B 32 56.91 17.65 10.23
C GLU B 32 55.67 17.69 9.34
N ALA B 33 54.57 18.24 9.89
CA ALA B 33 53.31 18.35 9.17
C ALA B 33 53.22 19.71 8.48
N GLN B 34 53.35 20.78 9.24
CA GLN B 34 53.28 22.11 8.67
C GLN B 34 54.34 22.27 7.59
N SER B 35 55.04 21.17 7.31
CA SER B 35 56.07 21.16 6.29
C SER B 35 55.61 20.34 5.09
N LYS B 36 55.56 19.02 5.26
CA LYS B 36 55.14 18.13 4.18
C LYS B 36 53.83 18.63 3.54
N LYS B 37 52.91 19.09 4.37
CA LYS B 37 51.63 19.60 3.88
C LYS B 37 51.86 20.82 3.00
N ILE B 38 52.39 21.88 3.61
CA ILE B 38 52.65 23.13 2.90
C ILE B 38 53.56 22.95 1.70
N THR B 39 54.58 22.13 1.85
CA THR B 39 55.55 21.87 0.78
C THR B 39 54.89 21.45 -0.53
N LYS B 40 55.48 21.87 -1.64
CA LYS B 40 54.96 21.56 -2.97
C LYS B 40 54.90 20.05 -3.23
N GLU B 41 53.88 19.66 -3.98
CA GLU B 41 53.64 18.27 -4.37
C GLU B 41 54.43 17.25 -3.57
N GLU B 42 54.51 17.49 -2.26
CA GLU B 42 55.22 16.62 -1.35
C GLU B 42 54.76 15.19 -1.59
N PHE B 43 53.50 14.93 -1.24
CA PHE B 43 52.91 13.61 -1.43
C PHE B 43 53.15 13.15 -2.84
N ALA B 44 52.51 13.82 -3.79
CA ALA B 44 52.63 13.50 -5.20
C ALA B 44 54.04 13.02 -5.56
N ASN B 45 55.02 13.91 -5.44
CA ASN B 45 56.41 13.58 -5.77
C ASN B 45 56.89 12.40 -4.93
N GLU B 46 56.47 12.39 -3.68
CA GLU B 46 56.84 11.34 -2.76
C GLU B 46 56.29 10.02 -3.29
N PHE B 47 55.05 10.08 -3.80
CA PHE B 47 54.37 8.91 -4.34
C PHE B 47 54.97 8.39 -5.65
N LEU B 48 55.48 9.31 -6.48
CA LEU B 48 56.07 8.89 -7.75
C LEU B 48 57.22 7.93 -7.50
N LYS B 49 57.80 8.00 -6.30
CA LYS B 49 58.92 7.13 -5.95
C LYS B 49 58.48 5.69 -5.74
N LEU B 50 57.23 5.51 -5.32
CA LEU B 50 56.66 4.19 -5.08
C LEU B 50 56.42 3.44 -6.40
N LYS B 51 55.65 4.05 -7.31
CA LYS B 51 55.39 3.41 -8.60
C LYS B 51 56.75 3.13 -9.22
N ARG B 52 57.67 4.07 -9.00
CA ARG B 52 59.04 3.96 -9.50
C ARG B 52 59.63 2.70 -8.89
N GLN B 53 59.76 2.73 -7.56
CA GLN B 53 60.30 1.61 -6.79
C GLN B 53 59.88 0.31 -7.47
N SER B 54 58.58 0.02 -7.43
CA SER B 54 58.04 -1.19 -8.04
C SER B 54 58.44 -1.33 -9.50
N THR B 55 58.30 -0.26 -10.27
CA THR B 55 58.67 -0.29 -11.69
C THR B 55 60.00 -1.02 -11.91
N LYS B 56 61.10 -0.43 -11.42
CA LYS B 56 62.42 -1.05 -11.58
C LYS B 56 62.51 -2.32 -10.73
N TYR B 57 61.77 -2.31 -9.62
CA TYR B 57 61.71 -3.43 -8.69
C TYR B 57 60.92 -4.55 -9.35
N LYS B 58 60.63 -4.34 -10.64
CA LYS B 58 59.89 -5.27 -11.46
C LYS B 58 60.83 -5.87 -12.49
N ALA B 59 60.93 -5.17 -13.63
CA ALA B 59 61.77 -5.56 -14.75
C ALA B 59 62.84 -6.59 -14.40
N ASP B 60 63.60 -6.31 -13.34
CA ASP B 60 64.67 -7.20 -12.90
C ASP B 60 64.17 -8.55 -12.38
N LYS B 61 63.06 -9.03 -12.94
CA LYS B 61 62.49 -10.32 -12.51
C LYS B 61 62.69 -10.51 -11.01
N THR B 62 62.53 -9.41 -10.28
CA THR B 62 62.71 -9.38 -8.84
C THR B 62 61.76 -10.35 -8.14
N TYR B 63 60.46 -10.09 -8.31
CA TYR B 63 59.46 -10.94 -7.69
C TYR B 63 58.62 -11.71 -8.71
N PRO B 64 59.02 -12.95 -9.03
CA PRO B 64 58.25 -13.73 -10.01
C PRO B 64 56.80 -13.91 -9.58
N THR B 65 55.89 -13.84 -10.56
CA THR B 65 54.45 -14.00 -10.31
C THR B 65 53.96 -15.24 -11.06
N THR B 66 54.83 -15.78 -11.89
CA THR B 66 54.61 -16.98 -12.72
C THR B 66 53.48 -17.93 -12.33
N VAL B 67 53.25 -18.12 -11.04
CA VAL B 67 52.18 -19.01 -10.60
C VAL B 67 50.87 -18.66 -11.28
N ALA B 68 50.50 -17.38 -11.22
CA ALA B 68 49.26 -16.90 -11.81
C ALA B 68 49.33 -16.62 -13.31
N GLU B 69 50.50 -16.77 -13.91
CA GLU B 69 50.63 -16.53 -15.35
C GLU B 69 50.38 -17.81 -16.11
N LYS B 70 49.76 -18.77 -15.46
CA LYS B 70 49.48 -20.05 -16.10
C LYS B 70 48.01 -20.15 -16.48
N PRO B 71 47.71 -20.84 -17.59
CA PRO B 71 46.34 -21.01 -18.07
C PRO B 71 45.33 -21.28 -16.95
N LYS B 72 45.50 -22.40 -16.26
CA LYS B 72 44.63 -22.82 -15.18
C LYS B 72 44.39 -21.76 -14.11
N ASN B 73 45.30 -20.80 -14.02
CA ASN B 73 45.18 -19.75 -13.01
C ASN B 73 44.85 -18.38 -13.60
N ILE B 74 45.23 -18.17 -14.86
CA ILE B 74 44.98 -16.89 -15.50
C ILE B 74 43.50 -16.51 -15.51
N LYS B 75 42.64 -17.52 -15.44
CA LYS B 75 41.21 -17.28 -15.43
C LYS B 75 40.72 -16.82 -14.04
N LYS B 76 41.52 -17.06 -13.02
CA LYS B 76 41.13 -16.68 -11.66
C LYS B 76 41.58 -15.27 -11.27
N ASN B 77 42.22 -14.56 -12.20
CA ASN B 77 42.69 -13.21 -11.91
C ASN B 77 41.71 -12.14 -12.42
N ARG B 78 40.98 -11.52 -11.49
CA ARG B 78 39.99 -10.51 -11.84
C ARG B 78 40.55 -9.42 -12.73
N TYR B 79 41.83 -9.11 -12.56
CA TYR B 79 42.50 -8.11 -13.37
C TYR B 79 43.83 -8.71 -13.82
N LYS B 80 44.08 -8.71 -15.13
CA LYS B 80 45.32 -9.29 -15.66
C LYS B 80 46.57 -8.49 -15.32
N ASP B 81 46.39 -7.28 -14.82
CA ASP B 81 47.54 -6.45 -14.47
C ASP B 81 47.81 -6.40 -12.96
N ILE B 82 47.23 -7.33 -12.22
CA ILE B 82 47.40 -7.36 -10.77
C ILE B 82 47.50 -8.79 -10.25
N LEU B 83 48.62 -9.45 -10.54
CA LEU B 83 48.84 -10.82 -10.10
C LEU B 83 49.76 -10.85 -8.87
N PRO B 84 49.55 -11.82 -7.97
CA PRO B 84 50.31 -12.04 -6.74
C PRO B 84 51.81 -12.26 -6.96
N TYR B 85 52.49 -12.74 -5.93
CA TYR B 85 53.93 -13.02 -5.95
C TYR B 85 54.13 -14.43 -5.43
N ASP B 86 54.92 -15.26 -6.10
CA ASP B 86 55.13 -16.59 -5.58
C ASP B 86 55.55 -16.39 -4.13
N TYR B 87 56.69 -15.74 -3.98
CA TYR B 87 57.28 -15.45 -2.69
C TYR B 87 56.28 -15.20 -1.55
N SER B 88 55.18 -14.50 -1.81
CA SER B 88 54.25 -14.23 -0.72
C SER B 88 52.79 -14.59 -0.97
N ARG B 89 52.52 -15.31 -2.06
CA ARG B 89 51.16 -15.70 -2.36
C ARG B 89 50.64 -16.79 -1.42
N VAL B 90 49.35 -16.79 -1.17
CA VAL B 90 48.73 -17.79 -0.31
C VAL B 90 48.48 -19.02 -1.18
N GLU B 91 48.83 -20.18 -0.65
CA GLU B 91 48.68 -21.45 -1.37
C GLU B 91 47.45 -22.20 -0.87
N LEU B 92 46.93 -23.10 -1.69
CA LEU B 92 45.77 -23.87 -1.30
C LEU B 92 46.05 -25.36 -1.10
N SER B 93 45.73 -25.83 0.10
CA SER B 93 45.95 -27.23 0.48
C SER B 93 44.63 -28.01 0.54
N LEU B 94 43.74 -27.59 1.45
CA LEU B 94 42.44 -28.24 1.66
C LEU B 94 41.79 -28.66 0.32
N ILE B 95 41.59 -29.97 0.16
CA ILE B 95 41.03 -30.50 -1.08
C ILE B 95 39.52 -30.66 -1.10
N THR B 96 38.90 -30.10 -2.14
CA THR B 96 37.44 -30.18 -2.33
C THR B 96 37.10 -30.66 -3.74
N SER B 97 38.07 -31.23 -4.45
CA SER B 97 37.88 -31.75 -5.80
C SER B 97 39.20 -31.85 -6.58
N ASP B 98 39.21 -32.65 -7.64
CA ASP B 98 40.42 -32.83 -8.46
C ASP B 98 40.64 -31.60 -9.32
N GLU B 99 39.64 -30.73 -9.37
CA GLU B 99 39.74 -29.50 -10.15
C GLU B 99 40.32 -28.41 -9.25
N ASP B 100 40.44 -28.74 -7.96
CA ASP B 100 40.99 -27.80 -6.98
C ASP B 100 42.44 -27.46 -7.27
N SER B 101 42.84 -26.25 -6.88
CA SER B 101 44.20 -25.80 -7.11
C SER B 101 44.69 -24.96 -5.94
N SER B 102 46.01 -24.87 -5.83
CA SER B 102 46.65 -24.11 -4.75
C SER B 102 46.57 -22.61 -4.98
N TYR B 103 46.18 -22.22 -6.19
CA TYR B 103 46.11 -20.81 -6.53
C TYR B 103 44.88 -19.97 -6.16
N ILE B 104 45.16 -18.72 -5.81
CA ILE B 104 44.15 -17.73 -5.48
C ILE B 104 44.90 -16.40 -5.60
N ASN B 105 44.19 -15.31 -5.92
CA ASN B 105 44.85 -14.03 -6.06
C ASN B 105 44.89 -13.24 -4.77
N ALA B 106 45.84 -13.62 -3.92
CA ALA B 106 46.07 -12.99 -2.64
C ALA B 106 47.54 -13.12 -2.26
N ASN B 107 47.95 -12.37 -1.24
CA ASN B 107 49.33 -12.40 -0.74
C ASN B 107 49.32 -12.12 0.75
N PHE B 108 50.33 -12.63 1.44
CA PHE B 108 50.42 -12.38 2.87
C PHE B 108 51.17 -11.08 3.11
N ILE B 109 50.72 -10.32 4.09
CA ILE B 109 51.34 -9.06 4.46
C ILE B 109 51.83 -9.17 5.89
N LYS B 110 53.14 -8.99 6.07
CA LYS B 110 53.75 -9.08 7.39
C LYS B 110 53.19 -8.10 8.43
N GLY B 111 53.09 -8.58 9.66
CA GLY B 111 52.59 -7.74 10.73
C GLY B 111 53.74 -7.17 11.53
N VAL B 112 53.44 -6.36 12.53
CA VAL B 112 54.48 -5.76 13.34
C VAL B 112 55.25 -6.81 14.14
N TYR B 113 54.61 -7.91 14.49
CA TYR B 113 55.29 -8.94 15.24
C TYR B 113 55.46 -10.25 14.48
N GLY B 114 55.73 -10.17 13.18
CA GLY B 114 55.91 -11.41 12.42
C GLY B 114 55.16 -11.46 11.10
N PRO B 115 55.32 -12.53 10.31
CA PRO B 115 54.65 -12.67 9.01
C PRO B 115 53.18 -13.11 9.11
N LYS B 116 52.60 -13.48 7.96
CA LYS B 116 51.20 -13.94 7.86
C LYS B 116 50.18 -13.26 8.79
N ALA B 117 50.14 -11.93 8.81
CA ALA B 117 49.21 -11.20 9.68
C ALA B 117 48.17 -10.39 8.94
N TYR B 118 48.24 -10.42 7.61
CA TYR B 118 47.30 -9.72 6.75
C TYR B 118 47.21 -10.52 5.48
N ILE B 119 46.07 -10.44 4.81
CA ILE B 119 45.89 -11.16 3.58
C ILE B 119 45.09 -10.32 2.61
N ALA B 120 45.81 -9.69 1.70
CA ALA B 120 45.17 -8.85 0.70
C ALA B 120 44.78 -9.77 -0.43
N THR B 121 43.55 -9.63 -0.90
CA THR B 121 43.11 -10.45 -2.00
C THR B 121 41.95 -9.84 -2.78
N GLN B 122 41.91 -10.15 -4.07
CA GLN B 122 40.87 -9.62 -4.95
C GLN B 122 39.49 -10.09 -4.56
N GLY B 123 38.49 -9.37 -5.06
CA GLY B 123 37.11 -9.76 -4.82
C GLY B 123 36.99 -11.03 -5.64
N PRO B 124 36.40 -12.10 -5.10
CA PRO B 124 36.30 -13.32 -5.90
C PRO B 124 35.45 -13.23 -7.15
N LEU B 125 35.78 -14.09 -8.11
CA LEU B 125 35.04 -14.17 -9.35
C LEU B 125 34.11 -15.36 -9.19
N SER B 126 33.19 -15.53 -10.12
CA SER B 126 32.29 -16.66 -10.03
C SER B 126 33.20 -17.89 -9.93
N THR B 127 34.12 -18.01 -10.87
CA THR B 127 35.05 -19.14 -10.95
C THR B 127 36.10 -19.23 -9.85
N THR B 128 35.87 -18.59 -8.70
CA THR B 128 36.87 -18.66 -7.64
C THR B 128 36.30 -18.79 -6.23
N LEU B 129 35.07 -18.32 -6.05
CA LEU B 129 34.37 -18.37 -4.76
C LEU B 129 34.63 -19.63 -3.90
N LEU B 130 34.77 -20.80 -4.54
CA LEU B 130 35.06 -22.00 -3.77
C LEU B 130 36.43 -21.76 -3.19
N ASP B 131 37.39 -21.53 -4.09
CA ASP B 131 38.76 -21.27 -3.72
C ASP B 131 38.86 -20.27 -2.60
N PHE B 132 37.90 -19.35 -2.54
CA PHE B 132 37.90 -18.34 -1.50
C PHE B 132 37.77 -18.98 -0.13
N TRP B 133 36.70 -19.74 0.07
CA TRP B 133 36.44 -20.37 1.36
C TRP B 133 37.43 -21.46 1.80
N ARG B 134 38.03 -22.14 0.84
CA ARG B 134 39.03 -23.13 1.19
C ARG B 134 40.11 -22.31 1.89
N MET B 135 40.46 -21.16 1.30
CA MET B 135 41.47 -20.27 1.87
C MET B 135 41.06 -19.90 3.28
N ILE B 136 40.07 -19.03 3.41
CA ILE B 136 39.58 -18.61 4.71
C ILE B 136 39.62 -19.73 5.74
N TRP B 137 39.08 -20.89 5.36
CA TRP B 137 39.02 -22.07 6.22
C TRP B 137 40.38 -22.68 6.45
N GLU B 138 41.08 -23.05 5.38
CA GLU B 138 42.41 -23.65 5.48
C GLU B 138 43.42 -22.71 6.13
N TYR B 139 42.92 -21.66 6.75
CA TYR B 139 43.77 -20.68 7.42
C TYR B 139 43.02 -20.09 8.59
N SER B 140 42.25 -20.93 9.26
CA SER B 140 41.46 -20.53 10.42
C SER B 140 41.19 -19.04 10.55
N VAL B 141 40.58 -18.46 9.51
CA VAL B 141 40.26 -17.04 9.52
C VAL B 141 39.08 -16.72 10.43
N LEU B 142 39.05 -15.48 10.93
CA LEU B 142 37.98 -15.05 11.81
C LEU B 142 37.35 -13.75 11.34
N ILE B 143 38.13 -12.90 10.71
CA ILE B 143 37.63 -11.62 10.27
C ILE B 143 38.03 -11.26 8.86
N ILE B 144 37.05 -10.69 8.13
CA ILE B 144 37.25 -10.21 6.77
C ILE B 144 36.79 -8.76 6.75
N VAL B 145 37.29 -8.01 5.75
CA VAL B 145 36.93 -6.59 5.60
C VAL B 145 36.65 -6.30 4.13
N MET B 146 35.38 -6.27 3.73
CA MET B 146 35.08 -5.97 2.34
C MET B 146 35.05 -4.46 2.22
N ALA B 147 36.13 -3.93 1.66
CA ALA B 147 36.29 -2.49 1.47
C ALA B 147 35.99 -2.10 0.05
N CYS B 148 34.73 -2.25 -0.32
CA CYS B 148 34.26 -1.88 -1.65
C CYS B 148 32.80 -2.28 -1.77
N MET B 149 32.19 -1.82 -2.85
CA MET B 149 30.80 -2.12 -3.12
C MET B 149 30.74 -3.09 -4.28
N GLU B 150 29.72 -3.95 -4.28
CA GLU B 150 29.56 -4.91 -5.36
C GLU B 150 29.56 -4.18 -6.69
N TYR B 151 29.03 -2.96 -6.69
CA TYR B 151 28.99 -2.15 -7.90
C TYR B 151 29.69 -0.79 -7.81
N GLU B 152 30.53 -0.51 -8.79
CA GLU B 152 31.25 0.76 -8.84
C GLU B 152 31.47 1.19 -10.29
N MET B 153 31.41 2.50 -10.50
CA MET B 153 31.60 3.09 -11.82
C MET B 153 30.69 2.38 -12.80
N GLY B 154 29.54 1.95 -12.29
CA GLY B 154 28.58 1.26 -13.12
C GLY B 154 29.03 -0.09 -13.62
N LYS B 155 29.70 -0.87 -12.77
CA LYS B 155 30.16 -2.22 -13.12
C LYS B 155 30.35 -3.07 -11.86
N LYS B 156 30.26 -4.39 -12.03
CA LYS B 156 30.40 -5.34 -10.92
C LYS B 156 31.83 -5.47 -10.39
N LYS B 157 31.97 -5.30 -9.08
CA LYS B 157 33.27 -5.35 -8.39
C LYS B 157 33.69 -6.74 -7.92
N CYS B 158 33.07 -7.23 -6.85
CA CYS B 158 33.40 -8.56 -6.35
C CYS B 158 32.14 -9.42 -6.41
N GLU B 159 32.31 -10.70 -6.71
CA GLU B 159 31.17 -11.61 -6.76
C GLU B 159 30.56 -11.68 -5.38
N ARG B 160 29.51 -12.48 -5.23
CA ARG B 160 28.86 -12.65 -3.93
C ARG B 160 29.50 -13.87 -3.27
N TYR B 161 30.09 -13.67 -2.10
CA TYR B 161 30.71 -14.77 -1.40
C TYR B 161 30.07 -14.94 -0.04
N TRP B 162 29.46 -13.87 0.45
CA TRP B 162 28.82 -13.94 1.75
C TRP B 162 27.31 -14.18 1.65
N ALA B 163 26.60 -13.96 2.75
CA ALA B 163 25.16 -14.17 2.77
C ALA B 163 24.46 -13.27 3.77
N GLU B 164 23.30 -12.78 3.36
CA GLU B 164 22.53 -11.86 4.18
C GLU B 164 21.26 -12.46 4.80
N PRO B 165 20.77 -11.85 5.89
CA PRO B 165 19.58 -12.28 6.63
C PRO B 165 18.49 -12.99 5.84
N GLY B 166 17.95 -14.06 6.45
CA GLY B 166 16.89 -14.86 5.86
C GLY B 166 17.19 -15.44 4.49
N GLU B 167 18.42 -15.28 4.03
CA GLU B 167 18.81 -15.79 2.73
C GLU B 167 19.08 -17.28 2.87
N MET B 168 18.79 -17.78 4.07
CA MET B 168 18.98 -19.20 4.41
C MET B 168 20.44 -19.61 4.41
N GLN B 169 20.90 -20.23 3.31
CA GLN B 169 22.29 -20.64 3.25
C GLN B 169 22.78 -20.85 1.83
N LEU B 170 23.66 -19.95 1.38
CA LEU B 170 24.24 -20.04 0.05
C LEU B 170 25.35 -21.06 0.15
N GLU B 171 25.49 -21.88 -0.88
CA GLU B 171 26.51 -22.91 -0.85
C GLU B 171 27.45 -22.90 -2.04
N PHE B 172 28.74 -22.93 -1.72
CA PHE B 172 29.79 -22.96 -2.72
C PHE B 172 30.48 -24.27 -2.40
N GLY B 173 30.81 -25.04 -3.43
CA GLY B 173 31.45 -26.31 -3.18
C GLY B 173 30.88 -26.90 -1.90
N PRO B 174 31.68 -27.58 -1.08
CA PRO B 174 31.14 -28.16 0.16
C PRO B 174 31.06 -27.22 1.35
N PHE B 175 30.94 -25.91 1.09
CA PHE B 175 30.85 -24.93 2.18
C PHE B 175 29.45 -24.35 2.27
N SER B 176 29.05 -23.96 3.49
CA SER B 176 27.74 -23.37 3.71
C SER B 176 27.83 -22.10 4.53
N VAL B 177 27.30 -21.00 3.99
CA VAL B 177 27.35 -19.71 4.68
C VAL B 177 25.97 -19.12 5.04
N SER B 178 25.69 -19.01 6.33
CA SER B 178 24.41 -18.46 6.81
C SER B 178 24.64 -17.03 7.26
N CYS B 179 23.80 -16.53 8.16
CA CYS B 179 23.95 -15.15 8.63
C CYS B 179 22.95 -14.82 9.73
N GLU B 180 23.22 -15.31 10.94
CA GLU B 180 22.34 -15.06 12.07
C GLU B 180 22.05 -13.57 12.21
N ALA B 181 23.08 -12.79 12.55
CA ALA B 181 22.91 -11.35 12.74
C ALA B 181 23.65 -10.48 11.73
N GLU B 182 23.37 -9.18 11.83
CA GLU B 182 23.98 -8.17 10.96
C GLU B 182 23.80 -6.78 11.56
N LYS B 183 24.83 -6.30 12.26
CA LYS B 183 24.80 -5.00 12.90
C LYS B 183 25.31 -3.94 11.92
N ARG B 184 24.96 -2.67 12.15
CA ARG B 184 25.40 -1.59 11.26
C ARG B 184 26.00 -0.39 12.00
N LYS B 185 27.01 0.23 11.39
CA LYS B 185 27.68 1.40 11.95
C LYS B 185 28.12 2.38 10.86
N SER B 186 27.34 3.45 10.69
CA SER B 186 27.62 4.47 9.69
C SER B 186 27.72 3.93 8.27
N ASP B 187 28.95 3.79 7.78
CA ASP B 187 29.20 3.30 6.43
C ASP B 187 29.76 1.88 6.42
N TYR B 188 29.87 1.25 7.57
CA TYR B 188 30.40 -0.10 7.62
C TYR B 188 29.43 -1.07 8.28
N ILE B 189 29.25 -2.23 7.66
CA ILE B 189 28.32 -3.28 8.12
C ILE B 189 29.02 -4.55 8.63
N ILE B 190 28.55 -5.09 9.75
CA ILE B 190 29.16 -6.31 10.28
C ILE B 190 28.27 -7.54 10.18
N ARG B 191 28.57 -8.42 9.23
CA ARG B 191 27.77 -9.63 9.10
C ARG B 191 28.35 -10.82 9.84
N THR B 192 27.78 -11.10 11.01
CA THR B 192 28.21 -12.23 11.82
C THR B 192 27.84 -13.50 11.07
N LEU B 193 28.74 -13.99 10.23
CA LEU B 193 28.50 -15.19 9.44
C LEU B 193 28.64 -16.49 10.23
N LYS B 194 28.27 -17.59 9.57
CA LYS B 194 28.33 -18.93 10.13
C LYS B 194 28.58 -19.89 8.98
N VAL B 195 29.83 -20.33 8.82
CA VAL B 195 30.17 -21.26 7.74
C VAL B 195 30.16 -22.70 8.24
N LYS B 196 29.85 -23.63 7.34
CA LYS B 196 29.81 -25.04 7.67
C LYS B 196 30.59 -25.87 6.67
N PHE B 197 31.45 -26.73 7.20
CA PHE B 197 32.27 -27.62 6.39
C PHE B 197 32.49 -28.93 7.15
N ASN B 198 32.44 -30.05 6.42
CA ASN B 198 32.64 -31.38 6.98
C ASN B 198 32.18 -31.52 8.44
N SER B 199 30.93 -31.16 8.69
CA SER B 199 30.34 -31.27 10.02
C SER B 199 30.86 -30.30 11.07
N GLU B 200 31.66 -29.32 10.66
CA GLU B 200 32.17 -28.35 11.61
C GLU B 200 31.44 -27.01 11.43
N THR B 201 31.18 -26.33 12.53
CA THR B 201 30.48 -25.05 12.51
C THR B 201 31.35 -23.88 12.98
N ARG B 202 31.99 -23.21 12.03
CA ARG B 202 32.85 -22.06 12.34
C ARG B 202 32.18 -20.72 12.11
N THR B 203 32.27 -19.82 13.08
CA THR B 203 31.69 -18.49 12.91
C THR B 203 32.74 -17.59 12.26
N ILE B 204 32.30 -16.73 11.36
CA ILE B 204 33.19 -15.80 10.66
C ILE B 204 32.65 -14.39 10.82
N TYR B 205 33.54 -13.42 10.96
CA TYR B 205 33.12 -12.04 11.12
C TYR B 205 33.52 -11.22 9.89
N GLN B 206 32.53 -10.82 9.09
CA GLN B 206 32.80 -10.05 7.89
C GLN B 206 32.38 -8.58 7.99
N PHE B 207 33.36 -7.69 7.84
CA PHE B 207 33.18 -6.25 7.89
C PHE B 207 33.00 -5.67 6.48
N HIS B 208 31.97 -4.84 6.32
CA HIS B 208 31.65 -4.24 5.04
C HIS B 208 31.74 -2.71 5.06
N TYR B 209 32.77 -2.15 4.42
CA TYR B 209 32.96 -0.71 4.38
C TYR B 209 32.35 -0.22 3.06
N LYS B 210 31.30 0.60 3.16
CA LYS B 210 30.62 1.13 1.97
C LYS B 210 31.22 2.42 1.42
N ASN B 211 31.38 3.43 2.27
CA ASN B 211 31.95 4.71 1.87
C ASN B 211 33.47 4.70 1.84
N TRP B 212 34.06 5.89 1.88
CA TRP B 212 35.50 6.08 1.89
C TRP B 212 35.84 7.54 2.19
N PRO B 213 36.80 7.76 3.09
CA PRO B 213 37.24 9.10 3.49
C PRO B 213 37.51 10.05 2.33
N ASP B 214 37.39 11.34 2.61
CA ASP B 214 37.64 12.39 1.62
C ASP B 214 38.91 13.16 2.00
N PRO B 218 39.17 14.96 5.43
CA PRO B 218 39.51 15.35 6.80
C PRO B 218 38.63 14.68 7.87
N SER B 219 37.51 15.31 8.20
CA SER B 219 36.60 14.76 9.19
C SER B 219 36.03 13.43 8.70
N SER B 220 36.15 13.19 7.39
CA SER B 220 35.64 11.95 6.79
C SER B 220 36.66 10.84 6.93
N ILE B 221 37.73 11.11 7.67
CA ILE B 221 38.77 10.12 7.88
C ILE B 221 38.43 9.30 9.11
N ASP B 222 37.77 9.93 10.07
CA ASP B 222 37.35 9.29 11.31
C ASP B 222 36.57 7.99 11.08
N PRO B 223 35.78 7.91 10.00
CA PRO B 223 35.02 6.68 9.75
C PRO B 223 35.94 5.47 9.55
N ILE B 224 36.84 5.55 8.58
CA ILE B 224 37.75 4.45 8.31
C ILE B 224 38.54 4.04 9.57
N LEU B 225 38.83 5.01 10.44
CA LEU B 225 39.55 4.73 11.66
C LEU B 225 38.60 4.04 12.60
N GLU B 226 37.33 4.45 12.50
CA GLU B 226 36.25 3.92 13.33
C GLU B 226 36.03 2.43 13.06
N LEU B 227 36.28 2.03 11.82
CA LEU B 227 36.14 0.63 11.41
C LEU B 227 37.26 -0.22 12.00
N ILE B 228 38.50 0.21 11.75
CA ILE B 228 39.70 -0.47 12.23
C ILE B 228 39.62 -0.64 13.74
N TRP B 229 39.18 0.42 14.41
CA TRP B 229 39.07 0.41 15.86
C TRP B 229 38.15 -0.70 16.33
N ASP B 230 37.21 -1.06 15.47
CA ASP B 230 36.24 -2.11 15.79
C ASP B 230 36.74 -3.50 15.40
N VAL B 231 37.27 -3.62 14.19
CA VAL B 231 37.80 -4.90 13.72
C VAL B 231 38.89 -5.40 14.68
N ARG B 232 39.32 -4.53 15.58
CA ARG B 232 40.35 -4.91 16.55
C ARG B 232 39.79 -5.31 17.89
N CYS B 233 38.84 -4.54 18.43
CA CYS B 233 38.31 -4.95 19.73
C CYS B 233 37.47 -6.22 19.54
N TYR B 234 37.68 -6.86 18.40
CA TYR B 234 37.03 -8.11 18.02
C TYR B 234 38.11 -9.19 18.12
N GLN B 235 39.20 -8.99 17.38
CA GLN B 235 40.35 -9.89 17.39
C GLN B 235 41.60 -9.03 17.47
N GLU B 236 41.99 -8.68 18.69
CA GLU B 236 43.14 -7.83 18.93
C GLU B 236 44.49 -8.48 18.62
N ASP B 237 44.62 -9.76 18.93
CA ASP B 237 45.86 -10.49 18.68
C ASP B 237 46.22 -10.60 17.21
N ASP B 238 47.19 -11.47 16.92
CA ASP B 238 47.65 -11.67 15.55
C ASP B 238 47.85 -13.17 15.36
N SER B 239 47.08 -13.95 16.10
CA SER B 239 47.14 -15.42 16.04
C SER B 239 46.84 -15.93 14.64
N VAL B 240 45.78 -15.40 14.05
CA VAL B 240 45.35 -15.81 12.72
C VAL B 240 45.24 -14.60 11.80
N PRO B 241 45.62 -14.79 10.53
CA PRO B 241 45.59 -13.75 9.50
C PRO B 241 44.22 -13.10 9.40
N ILE B 242 44.18 -11.90 8.83
CA ILE B 242 42.90 -11.22 8.64
C ILE B 242 42.74 -11.10 7.14
N CYS B 243 41.49 -11.16 6.67
CA CYS B 243 41.25 -11.03 5.24
C CYS B 243 40.71 -9.65 4.93
N ILE B 244 41.44 -8.94 4.06
CA ILE B 244 41.04 -7.59 3.66
C ILE B 244 41.07 -7.54 2.14
N HIS B 245 40.01 -7.03 1.53
CA HIS B 245 39.96 -6.98 0.08
C HIS B 245 39.26 -5.78 -0.53
N SER B 246 39.54 -5.56 -1.82
CA SER B 246 38.95 -4.49 -2.61
C SER B 246 38.66 -5.12 -3.96
N SER B 247 38.52 -4.30 -4.99
CA SER B 247 38.27 -4.84 -6.32
C SER B 247 39.42 -5.79 -6.65
N ALA B 248 40.65 -5.26 -6.63
CA ALA B 248 41.84 -6.05 -6.93
C ALA B 248 42.60 -6.44 -5.67
N GLY B 249 42.07 -6.05 -4.50
CA GLY B 249 42.74 -6.36 -3.26
C GLY B 249 44.03 -5.57 -3.17
N CYS B 250 43.95 -4.31 -3.55
CA CYS B 250 45.11 -3.42 -3.55
C CYS B 250 44.66 -2.05 -3.02
N GLY B 251 44.99 -0.99 -3.75
CA GLY B 251 44.61 0.35 -3.34
C GLY B 251 44.02 0.50 -1.95
N ARG B 252 42.69 0.44 -1.89
CA ARG B 252 41.97 0.59 -0.63
C ARG B 252 42.36 -0.43 0.43
N THR B 253 42.84 -1.57 -0.01
CA THR B 253 43.26 -2.65 0.87
C THR B 253 44.55 -2.21 1.61
N GLY B 254 45.54 -1.77 0.84
CA GLY B 254 46.80 -1.30 1.40
C GLY B 254 46.64 -0.19 2.44
N VAL B 255 45.62 0.65 2.28
CA VAL B 255 45.40 1.75 3.22
C VAL B 255 44.98 1.23 4.59
N ILE B 256 43.96 0.36 4.59
CA ILE B 256 43.42 -0.24 5.80
C ILE B 256 44.52 -1.00 6.55
N CYS B 257 45.31 -1.77 5.80
CA CYS B 257 46.41 -2.52 6.40
C CYS B 257 47.31 -1.54 7.12
N ALA B 258 47.97 -0.69 6.35
CA ALA B 258 48.87 0.30 6.91
C ALA B 258 48.29 1.08 8.08
N ILE B 259 47.05 1.54 7.98
CA ILE B 259 46.50 2.32 9.08
C ILE B 259 46.40 1.54 10.39
N ASP B 260 46.18 0.24 10.32
CA ASP B 260 46.11 -0.56 11.54
C ASP B 260 47.53 -0.86 11.99
N TYR B 261 48.34 -1.33 11.04
CA TYR B 261 49.74 -1.63 11.31
C TYR B 261 50.28 -0.47 12.14
N THR B 262 50.07 0.76 11.65
CA THR B 262 50.52 1.96 12.34
C THR B 262 49.82 2.13 13.67
N TRP B 263 48.55 1.75 13.71
CA TRP B 263 47.75 1.88 14.90
C TRP B 263 48.25 0.88 15.93
N MET B 264 48.76 -0.25 15.45
CA MET B 264 49.30 -1.31 16.30
C MET B 264 50.53 -0.82 17.07
N LEU B 265 51.52 -0.32 16.35
CA LEU B 265 52.74 0.19 16.95
C LEU B 265 52.34 1.18 18.05
N LEU B 266 51.78 2.31 17.64
CA LEU B 266 51.35 3.32 18.59
C LEU B 266 50.55 2.67 19.73
N LYS B 267 49.69 1.72 19.36
CA LYS B 267 48.84 1.01 20.32
C LYS B 267 49.66 0.37 21.44
N ASP B 268 50.63 -0.47 21.06
CA ASP B 268 51.49 -1.12 22.05
C ASP B 268 52.76 -0.31 22.29
N GLY B 269 52.63 1.00 22.16
CA GLY B 269 53.74 1.91 22.40
C GLY B 269 55.10 1.49 21.88
N ILE B 270 55.20 1.28 20.57
CA ILE B 270 56.47 0.90 19.97
C ILE B 270 56.58 1.53 18.60
N ILE B 271 56.42 2.85 18.58
CA ILE B 271 56.53 3.62 17.35
C ILE B 271 57.99 4.03 17.20
N PRO B 272 58.66 3.52 16.16
CA PRO B 272 60.08 3.87 15.96
C PRO B 272 60.30 5.37 16.07
N GLU B 273 61.56 5.79 16.10
CA GLU B 273 61.90 7.21 16.20
C GLU B 273 62.07 7.76 14.79
N ASN B 274 62.02 6.88 13.81
CA ASN B 274 62.17 7.27 12.41
C ASN B 274 61.07 6.61 11.57
N PHE B 275 59.82 6.74 12.02
CA PHE B 275 58.68 6.16 11.33
C PHE B 275 58.22 6.92 10.08
N SER B 276 58.15 6.22 8.95
CA SER B 276 57.72 6.84 7.71
C SER B 276 56.64 6.05 6.99
N VAL B 277 55.42 6.57 7.02
CA VAL B 277 54.31 5.92 6.35
C VAL B 277 54.77 5.59 4.94
N PHE B 278 55.74 6.35 4.44
CA PHE B 278 56.29 6.11 3.12
C PHE B 278 56.93 4.73 3.12
N SER B 279 57.85 4.50 4.06
CA SER B 279 58.52 3.22 4.13
C SER B 279 57.47 2.16 4.43
N LEU B 280 56.67 2.41 5.47
CA LEU B 280 55.63 1.47 5.86
C LEU B 280 54.97 0.92 4.60
N ILE B 281 54.74 1.82 3.64
CA ILE B 281 54.12 1.45 2.37
C ILE B 281 55.11 0.66 1.53
N ARG B 282 56.20 1.31 1.14
CA ARG B 282 57.23 0.68 0.32
C ARG B 282 57.45 -0.74 0.81
N GLU B 283 57.53 -0.91 2.12
CA GLU B 283 57.72 -2.23 2.69
C GLU B 283 56.64 -3.12 2.09
N MET B 284 55.39 -2.82 2.45
CA MET B 284 54.25 -3.59 1.98
C MET B 284 54.22 -3.84 0.46
N ARG B 285 54.45 -2.80 -0.34
CA ARG B 285 54.45 -2.97 -1.79
C ARG B 285 55.42 -4.04 -2.27
N THR B 286 56.31 -4.48 -1.38
CA THR B 286 57.27 -5.51 -1.75
C THR B 286 56.74 -6.85 -1.26
N GLN B 287 55.49 -6.87 -0.82
CA GLN B 287 54.86 -8.09 -0.34
C GLN B 287 53.69 -8.44 -1.25
N ARG B 288 52.95 -7.41 -1.64
CA ARG B 288 51.79 -7.50 -2.51
C ARG B 288 51.92 -6.36 -3.50
N PRO B 289 51.80 -6.64 -4.80
CA PRO B 289 51.93 -5.59 -5.81
C PRO B 289 50.96 -4.43 -5.66
N SER B 290 51.28 -3.35 -6.38
CA SER B 290 50.49 -2.13 -6.44
C SER B 290 49.68 -1.68 -5.23
N LEU B 291 50.06 -2.10 -4.03
CA LEU B 291 49.33 -1.69 -2.83
C LEU B 291 49.16 -0.16 -2.84
N VAL B 292 48.20 0.35 -2.07
CA VAL B 292 47.97 1.80 -2.04
C VAL B 292 48.07 2.38 -3.46
N GLN B 293 47.07 2.09 -4.28
CA GLN B 293 47.02 2.50 -5.69
C GLN B 293 47.20 3.97 -6.09
N THR B 294 46.34 4.84 -5.59
CA THR B 294 46.41 6.25 -5.96
C THR B 294 46.82 7.19 -4.84
N GLN B 295 47.75 8.07 -5.16
CA GLN B 295 48.27 9.07 -4.23
C GLN B 295 47.23 9.58 -3.23
N GLU B 296 46.00 9.78 -3.70
CA GLU B 296 44.92 10.27 -2.87
C GLU B 296 44.80 9.37 -1.64
N GLN B 297 45.04 8.07 -1.85
CA GLN B 297 44.99 7.09 -0.78
C GLN B 297 46.20 7.31 0.13
N TYR B 298 47.36 7.49 -0.48
CA TYR B 298 48.61 7.74 0.24
C TYR B 298 48.47 8.93 1.18
N GLU B 299 47.77 9.96 0.72
CA GLU B 299 47.55 11.15 1.53
C GLU B 299 46.65 10.84 2.73
N LEU B 300 45.68 9.97 2.52
CA LEU B 300 44.73 9.55 3.56
C LEU B 300 45.41 8.76 4.68
N VAL B 301 46.24 7.80 4.29
CA VAL B 301 46.96 6.98 5.25
C VAL B 301 47.70 7.92 6.20
N TYR B 302 48.35 8.93 5.61
CA TYR B 302 49.11 9.94 6.33
C TYR B 302 48.23 10.78 7.28
N ASN B 303 47.15 11.33 6.75
CA ASN B 303 46.21 12.14 7.52
C ASN B 303 45.60 11.32 8.65
N ALA B 304 45.50 10.01 8.41
CA ALA B 304 44.99 9.10 9.41
C ALA B 304 46.10 9.03 10.45
N VAL B 305 47.31 8.73 9.98
CA VAL B 305 48.50 8.64 10.82
C VAL B 305 48.62 9.87 11.72
N LEU B 306 48.29 11.03 11.17
CA LEU B 306 48.36 12.27 11.93
C LEU B 306 47.23 12.30 12.94
N GLU B 307 46.06 11.90 12.45
CA GLU B 307 44.83 11.88 13.25
C GLU B 307 44.90 10.96 14.46
N LEU B 308 45.69 9.90 14.38
CA LEU B 308 45.82 8.96 15.49
C LEU B 308 46.84 9.46 16.51
N PHE B 309 47.83 10.20 16.03
CA PHE B 309 48.84 10.74 16.93
C PHE B 309 48.22 11.85 17.75
N LYS B 310 47.53 12.77 17.08
CA LYS B 310 46.88 13.86 17.78
C LYS B 310 46.03 13.32 18.91
N ARG B 311 45.49 12.11 18.70
CA ARG B 311 44.64 11.43 19.66
C ARG B 311 45.41 10.82 20.84
N GLN B 312 46.54 10.17 20.55
CA GLN B 312 47.34 9.58 21.60
C GLN B 312 47.72 10.67 22.61
N MET B 313 48.16 11.81 22.09
CA MET B 313 48.56 12.96 22.91
C MET B 313 47.53 13.34 23.97
N MET C 20 27.56 9.76 17.76
CA MET C 20 26.41 8.83 17.51
C MET C 20 25.58 9.21 16.30
N ASP C 21 25.81 8.56 15.17
CA ASP C 21 25.05 8.86 13.96
C ASP C 21 23.65 8.25 14.02
N GLN C 22 22.93 8.30 12.90
CA GLN C 22 21.58 7.76 12.84
C GLN C 22 21.49 6.24 12.80
N ARG C 23 22.09 5.61 11.80
CA ARG C 23 22.05 4.15 11.66
C ARG C 23 22.59 3.52 12.94
N GLU C 24 23.06 4.38 13.84
CA GLU C 24 23.65 3.95 15.09
C GLU C 24 22.63 3.82 16.21
N ILE C 25 21.89 4.91 16.45
CA ILE C 25 20.88 4.94 17.50
C ILE C 25 19.75 3.97 17.17
N LEU C 26 19.54 3.71 15.88
CA LEU C 26 18.49 2.79 15.45
C LEU C 26 18.80 1.39 15.96
N GLN C 27 20.06 0.98 15.88
CA GLN C 27 20.48 -0.33 16.37
C GLN C 27 20.24 -0.38 17.87
N LYS C 28 20.47 0.75 18.53
CA LYS C 28 20.29 0.84 19.98
C LYS C 28 18.87 0.49 20.36
N PHE C 29 17.90 1.03 19.61
CA PHE C 29 16.50 0.74 19.89
C PHE C 29 16.09 -0.54 19.17
N LEU C 30 16.67 -0.78 18.01
CA LEU C 30 16.37 -1.99 17.24
C LEU C 30 16.79 -3.19 18.07
N ASP C 31 17.84 -3.00 18.86
CA ASP C 31 18.38 -4.04 19.75
C ASP C 31 17.49 -4.13 20.99
N GLU C 32 17.40 -3.03 21.73
CA GLU C 32 16.57 -2.97 22.93
C GLU C 32 15.12 -3.22 22.55
N ALA C 33 14.91 -3.84 21.39
CA ALA C 33 13.59 -4.16 20.89
C ALA C 33 13.23 -5.59 21.26
N GLN C 34 14.03 -6.54 20.78
CA GLN C 34 13.78 -7.94 21.09
C GLN C 34 13.62 -8.11 22.60
N SER C 35 14.57 -7.55 23.35
CA SER C 35 14.55 -7.64 24.80
C SER C 35 13.18 -7.28 25.37
N LYS C 36 12.75 -6.05 25.11
CA LYS C 36 11.46 -5.55 25.60
C LYS C 36 10.25 -6.33 25.11
N LYS C 37 10.23 -6.70 23.83
CA LYS C 37 9.11 -7.45 23.29
C LYS C 37 9.02 -8.81 23.96
N ILE C 38 9.99 -9.10 24.82
CA ILE C 38 10.03 -10.38 25.52
C ILE C 38 9.93 -10.20 27.03
N THR C 39 9.57 -8.99 27.47
CA THR C 39 9.44 -8.66 28.88
C THR C 39 8.01 -8.68 29.37
N LYS C 40 7.79 -9.29 30.53
CA LYS C 40 6.46 -9.38 31.11
C LYS C 40 5.74 -8.04 31.09
N GLU C 41 4.54 -8.05 30.51
CA GLU C 41 3.69 -6.87 30.41
C GLU C 41 4.46 -5.56 30.33
N GLU C 42 5.61 -5.62 29.66
CA GLU C 42 6.47 -4.46 29.46
C GLU C 42 5.61 -3.28 29.06
N PHE C 43 4.59 -3.57 28.24
CA PHE C 43 3.66 -2.55 27.74
C PHE C 43 2.64 -2.09 28.77
N ALA C 44 1.75 -3.00 29.17
CA ALA C 44 0.72 -2.67 30.14
C ALA C 44 1.29 -1.86 31.29
N ASN C 45 2.46 -2.27 31.77
CA ASN C 45 3.14 -1.58 32.86
C ASN C 45 3.50 -0.18 32.41
N GLU C 46 4.18 -0.10 31.27
CA GLU C 46 4.61 1.17 30.71
C GLU C 46 3.38 2.06 30.52
N PHE C 47 2.39 1.53 29.83
CA PHE C 47 1.17 2.28 29.56
C PHE C 47 0.46 2.75 30.83
N LEU C 48 0.53 1.97 31.90
CA LEU C 48 -0.11 2.35 33.15
C LEU C 48 0.48 3.67 33.64
N LYS C 49 1.76 3.87 33.34
CA LYS C 49 2.48 5.08 33.74
C LYS C 49 1.84 6.32 33.14
N LEU C 50 1.55 6.28 31.84
CA LEU C 50 0.91 7.41 31.15
C LEU C 50 -0.33 7.89 31.87
N LYS C 51 -1.37 7.06 31.86
CA LYS C 51 -2.62 7.39 32.52
C LYS C 51 -2.37 7.91 33.93
N ARG C 52 -1.28 7.46 34.56
CA ARG C 52 -0.92 7.89 35.90
C ARG C 52 -0.54 9.35 35.84
N GLN C 53 0.34 9.66 34.88
CA GLN C 53 0.79 11.01 34.66
C GLN C 53 -0.46 11.87 34.64
N SER C 54 -1.14 11.86 33.50
CA SER C 54 -2.36 12.63 33.29
C SER C 54 -3.27 12.77 34.51
N THR C 55 -3.42 11.70 35.29
CA THR C 55 -4.27 11.70 36.48
C THR C 55 -3.75 12.71 37.52
N LYS C 56 -2.55 12.48 38.03
CA LYS C 56 -1.96 13.41 38.98
C LYS C 56 -1.96 14.75 38.25
N TYR C 57 -1.52 14.65 36.99
CA TYR C 57 -1.41 15.76 36.06
C TYR C 57 -2.80 16.23 35.69
N LYS C 58 -3.72 16.11 36.65
CA LYS C 58 -5.11 16.52 36.48
C LYS C 58 -5.63 16.89 37.87
N ALA C 59 -5.07 16.23 38.87
CA ALA C 59 -5.44 16.47 40.25
C ALA C 59 -4.72 17.71 40.76
N ASP C 60 -3.84 18.27 39.93
CA ASP C 60 -3.10 19.47 40.28
C ASP C 60 -3.64 20.66 39.51
N LYS C 61 -4.79 20.50 38.86
CA LYS C 61 -5.36 21.59 38.09
C LYS C 61 -4.32 22.04 37.08
N THR C 62 -3.34 21.16 36.85
CA THR C 62 -2.25 21.43 35.92
C THR C 62 -2.74 21.97 34.58
N TYR C 63 -3.93 21.53 34.17
CA TYR C 63 -4.47 21.97 32.89
C TYR C 63 -5.97 22.23 32.90
N PRO C 64 -6.37 23.52 32.82
CA PRO C 64 -7.80 23.91 32.81
C PRO C 64 -8.50 23.63 31.48
N THR C 65 -9.83 23.50 31.54
CA THR C 65 -10.65 23.25 30.37
C THR C 65 -11.84 24.19 30.38
N THR C 66 -11.80 25.14 31.31
CA THR C 66 -12.84 26.14 31.47
C THR C 66 -13.53 26.56 30.16
N VAL C 67 -12.75 26.86 29.12
CA VAL C 67 -13.33 27.25 27.84
C VAL C 67 -14.47 26.31 27.53
N ALA C 68 -14.12 25.12 27.04
CA ALA C 68 -15.10 24.10 26.69
C ALA C 68 -16.12 23.89 27.82
N GLU C 69 -15.63 23.64 29.02
CA GLU C 69 -16.50 23.42 30.18
C GLU C 69 -17.68 24.38 30.24
N LYS C 70 -17.48 25.61 29.79
CA LYS C 70 -18.56 26.58 29.79
C LYS C 70 -19.80 25.92 29.19
N PRO C 71 -21.00 26.25 29.73
CA PRO C 71 -22.25 25.69 29.24
C PRO C 71 -22.47 25.82 27.73
N LYS C 72 -22.25 27.01 27.18
CA LYS C 72 -22.43 27.25 25.75
C LYS C 72 -21.51 26.44 24.83
N ASN C 73 -21.01 25.32 25.33
CA ASN C 73 -20.13 24.45 24.55
C ASN C 73 -20.45 22.97 24.79
N ILE C 74 -21.27 22.72 25.82
CA ILE C 74 -21.70 21.38 26.19
C ILE C 74 -22.08 20.61 24.93
N LYS C 75 -22.94 21.25 24.15
CA LYS C 75 -23.44 20.71 22.89
C LYS C 75 -22.29 20.35 21.93
N LYS C 76 -21.34 21.26 21.81
CA LYS C 76 -20.21 21.07 20.91
C LYS C 76 -19.27 19.94 21.34
N ASN C 77 -19.48 19.42 22.56
CA ASN C 77 -18.67 18.32 23.09
C ASN C 77 -19.24 16.97 22.65
N ARG C 78 -18.57 16.30 21.72
CA ARG C 78 -19.04 15.00 21.26
C ARG C 78 -18.79 13.90 22.28
N TYR C 79 -18.04 14.24 23.33
CA TYR C 79 -17.72 13.30 24.39
C TYR C 79 -17.44 14.02 25.71
N LYS C 80 -18.34 13.86 26.68
CA LYS C 80 -18.21 14.48 28.00
C LYS C 80 -16.83 14.30 28.65
N ASP C 81 -16.30 13.08 28.55
CA ASP C 81 -15.02 12.71 29.16
C ASP C 81 -13.78 13.06 28.34
N ILE C 82 -13.95 13.82 27.27
CA ILE C 82 -12.82 14.19 26.43
C ILE C 82 -12.86 15.67 26.05
N LEU C 83 -12.35 16.53 26.92
CA LEU C 83 -12.34 17.98 26.68
C LEU C 83 -10.92 18.48 26.45
N PRO C 84 -10.74 19.36 25.45
CA PRO C 84 -9.41 19.90 25.15
C PRO C 84 -8.88 20.80 26.26
N TYR C 85 -7.63 21.22 26.14
CA TYR C 85 -7.02 22.10 27.14
C TYR C 85 -7.12 23.53 26.62
N ASP C 86 -7.26 24.48 27.54
CA ASP C 86 -7.32 25.88 27.12
C ASP C 86 -5.95 26.16 26.56
N TYR C 87 -4.94 25.80 27.36
CA TYR C 87 -3.53 25.96 27.02
C TYR C 87 -3.21 25.77 25.54
N SER C 88 -3.75 24.71 24.93
CA SER C 88 -3.46 24.45 23.52
C SER C 88 -4.67 24.17 22.64
N ARG C 89 -5.82 24.70 23.03
CA ARG C 89 -7.03 24.48 22.24
C ARG C 89 -7.07 25.42 21.06
N VAL C 90 -7.22 24.88 19.85
CA VAL C 90 -7.30 25.73 18.68
C VAL C 90 -8.44 26.72 18.92
N GLU C 91 -8.15 28.00 18.80
CA GLU C 91 -9.18 29.02 19.00
C GLU C 91 -9.74 29.43 17.65
N LEU C 92 -10.99 29.85 17.62
CA LEU C 92 -11.64 30.27 16.39
C LEU C 92 -11.89 31.77 16.34
N SER C 93 -11.67 32.34 15.16
CA SER C 93 -11.86 33.76 14.95
C SER C 93 -12.79 34.03 13.77
N LEU C 94 -12.46 33.47 12.61
CA LEU C 94 -13.24 33.65 11.39
C LEU C 94 -14.77 33.72 11.55
N ILE C 95 -15.27 34.93 11.81
CA ILE C 95 -16.71 35.16 12.00
C ILE C 95 -17.54 34.93 10.74
N THR C 96 -18.61 34.15 10.88
CA THR C 96 -19.52 33.85 9.76
C THR C 96 -20.98 34.00 10.20
N SER C 97 -21.22 33.83 11.49
CA SER C 97 -22.58 33.93 12.01
C SER C 97 -22.66 34.87 13.21
N ASP C 98 -23.89 35.10 13.68
CA ASP C 98 -24.12 35.98 14.81
C ASP C 98 -23.35 35.53 16.05
N GLU C 99 -23.83 34.47 16.71
CA GLU C 99 -23.16 33.97 17.91
C GLU C 99 -22.16 32.85 17.67
N ASP C 100 -21.47 32.88 16.54
CA ASP C 100 -20.47 31.85 16.27
C ASP C 100 -19.32 32.07 17.25
N SER C 101 -19.29 31.25 18.31
CA SER C 101 -18.26 31.34 19.34
C SER C 101 -16.87 31.00 18.83
N SER C 102 -15.92 30.96 19.75
CA SER C 102 -14.54 30.66 19.43
C SER C 102 -14.16 29.20 19.65
N TYR C 103 -14.88 28.54 20.56
CA TYR C 103 -14.58 27.15 20.89
C TYR C 103 -14.91 26.01 19.92
N ILE C 104 -13.98 25.07 19.83
CA ILE C 104 -14.13 23.85 19.03
C ILE C 104 -13.31 22.80 19.78
N ASN C 105 -13.68 21.53 19.69
CA ASN C 105 -12.94 20.49 20.39
C ASN C 105 -11.77 19.99 19.58
N ALA C 106 -10.70 20.76 19.63
CA ALA C 106 -9.47 20.44 18.92
C ALA C 106 -8.33 21.04 19.69
N ASN C 107 -7.13 20.54 19.44
CA ASN C 107 -5.95 21.05 20.12
C ASN C 107 -4.77 21.12 19.19
N PHE C 108 -3.80 21.96 19.58
CA PHE C 108 -2.59 22.11 18.79
C PHE C 108 -1.61 21.08 19.32
N ILE C 109 -0.82 20.50 18.42
CA ILE C 109 0.17 19.53 18.81
C ILE C 109 1.49 19.93 18.17
N LYS C 110 2.52 20.07 19.00
CA LYS C 110 3.84 20.46 18.52
C LYS C 110 4.48 19.37 17.70
N GLY C 111 5.17 19.76 16.63
CA GLY C 111 5.84 18.81 15.76
C GLY C 111 7.31 18.75 16.05
N VAL C 112 8.10 18.31 15.08
CA VAL C 112 9.55 18.20 15.28
C VAL C 112 10.36 19.49 15.11
N TYR C 113 9.74 20.54 14.56
CA TYR C 113 10.44 21.81 14.39
C TYR C 113 9.73 22.97 15.09
N GLY C 114 8.41 22.92 15.18
CA GLY C 114 7.71 23.99 15.83
C GLY C 114 6.31 23.62 16.24
N PRO C 115 5.71 24.37 17.16
CA PRO C 115 4.34 24.12 17.65
C PRO C 115 3.26 24.28 16.59
N LYS C 116 2.02 23.92 16.96
CA LYS C 116 0.88 24.01 16.06
C LYS C 116 0.95 23.12 14.80
N ALA C 117 2.00 22.32 14.67
CA ALA C 117 2.13 21.47 13.48
C ALA C 117 0.98 20.48 13.26
N TYR C 118 0.31 20.07 14.34
CA TYR C 118 -0.79 19.12 14.24
C TYR C 118 -2.09 19.59 14.88
N ILE C 119 -3.19 19.38 14.16
CA ILE C 119 -4.51 19.74 14.66
C ILE C 119 -5.29 18.46 14.93
N ALA C 120 -5.42 18.10 16.20
CA ALA C 120 -6.13 16.89 16.56
C ALA C 120 -7.51 17.30 17.07
N THR C 121 -8.55 16.72 16.49
CA THR C 121 -9.90 17.07 16.89
C THR C 121 -10.87 15.90 16.75
N GLN C 122 -12.04 16.02 17.40
CA GLN C 122 -13.07 14.97 17.38
C GLN C 122 -13.84 14.90 16.09
N GLY C 123 -14.72 13.90 16.00
CA GLY C 123 -15.56 13.76 14.83
C GLY C 123 -16.48 14.95 14.94
N PRO C 124 -16.59 15.77 13.89
CA PRO C 124 -17.47 16.95 13.93
C PRO C 124 -18.92 16.53 14.05
N LEU C 125 -19.54 16.90 15.16
CA LEU C 125 -20.94 16.56 15.38
C LEU C 125 -21.70 17.32 14.31
N SER C 126 -22.90 17.77 14.62
CA SER C 126 -23.64 18.51 13.62
C SER C 126 -23.49 19.97 14.00
N THR C 127 -23.80 20.29 15.26
CA THR C 127 -23.69 21.66 15.74
C THR C 127 -22.26 22.18 15.69
N THR C 128 -21.36 21.40 15.11
CA THR C 128 -19.97 21.81 14.97
C THR C 128 -19.36 21.51 13.61
N LEU C 129 -20.21 21.32 12.60
CA LEU C 129 -19.73 21.10 11.22
C LEU C 129 -19.36 22.50 10.74
N LEU C 130 -19.95 23.48 11.42
CA LEU C 130 -19.72 24.88 11.14
C LEU C 130 -18.27 25.18 11.55
N ASP C 131 -18.06 25.24 12.86
CA ASP C 131 -16.74 25.51 13.44
C ASP C 131 -15.68 24.64 12.78
N PHE C 132 -16.06 23.43 12.39
CA PHE C 132 -15.08 22.56 11.74
C PHE C 132 -14.49 23.22 10.50
N TRP C 133 -15.34 23.66 9.58
CA TRP C 133 -14.84 24.29 8.35
C TRP C 133 -14.26 25.70 8.50
N ARG C 134 -14.55 26.36 9.62
CA ARG C 134 -13.99 27.67 9.87
C ARG C 134 -12.51 27.39 10.14
N MET C 135 -12.28 26.47 11.07
CA MET C 135 -10.93 26.06 11.45
C MET C 135 -10.10 25.68 10.24
N ILE C 136 -10.59 24.72 9.45
CA ILE C 136 -9.85 24.28 8.26
C ILE C 136 -9.59 25.47 7.34
N TRP C 137 -10.29 26.58 7.60
CA TRP C 137 -10.12 27.77 6.78
C TRP C 137 -9.20 28.77 7.47
N GLU C 138 -9.61 29.27 8.62
CA GLU C 138 -8.81 30.24 9.36
C GLU C 138 -7.38 29.78 9.58
N TYR C 139 -7.10 28.54 9.22
CA TYR C 139 -5.77 27.98 9.40
C TYR C 139 -5.17 27.46 8.09
N SER C 140 -5.79 27.83 6.97
CA SER C 140 -5.31 27.44 5.66
C SER C 140 -4.95 25.96 5.57
N VAL C 141 -5.57 25.14 6.41
CA VAL C 141 -5.31 23.70 6.44
C VAL C 141 -5.44 23.08 5.06
N LEU C 142 -4.48 22.23 4.70
CA LEU C 142 -4.45 21.58 3.39
C LEU C 142 -4.88 20.13 3.43
N ILE C 143 -4.50 19.41 4.48
CA ILE C 143 -4.83 18.01 4.57
C ILE C 143 -5.67 17.66 5.78
N ILE C 144 -6.69 16.83 5.53
CA ILE C 144 -7.61 16.32 6.54
C ILE C 144 -7.54 14.79 6.50
N VAL C 145 -7.12 14.18 7.60
CA VAL C 145 -7.01 12.71 7.68
C VAL C 145 -8.11 12.12 8.55
N MET C 146 -9.03 11.40 7.93
CA MET C 146 -10.10 10.77 8.69
C MET C 146 -9.74 9.34 9.02
N ALA C 147 -9.50 9.08 10.30
CA ALA C 147 -9.15 7.75 10.75
C ALA C 147 -10.18 7.30 11.77
N CYS C 148 -11.41 7.16 11.31
CA CYS C 148 -12.52 6.72 12.15
C CYS C 148 -13.76 6.69 11.27
N MET C 149 -14.38 5.51 11.18
CA MET C 149 -15.58 5.31 10.36
C MET C 149 -16.82 6.03 10.87
N GLU C 150 -17.72 6.36 9.93
CA GLU C 150 -18.96 7.03 10.25
C GLU C 150 -19.75 6.15 11.21
N TYR C 151 -19.57 4.83 11.06
CA TYR C 151 -20.25 3.86 11.90
C TYR C 151 -19.33 2.83 12.56
N GLU C 152 -19.38 2.78 13.89
CA GLU C 152 -18.58 1.87 14.67
C GLU C 152 -19.35 1.51 15.93
N MET C 153 -19.30 0.23 16.32
CA MET C 153 -20.01 -0.24 17.49
C MET C 153 -21.49 0.12 17.34
N GLY C 154 -22.08 -0.33 16.24
CA GLY C 154 -23.48 -0.08 15.96
C GLY C 154 -23.96 1.32 16.33
N LYS C 155 -23.16 2.33 16.00
CA LYS C 155 -23.53 3.70 16.29
C LYS C 155 -22.78 4.75 15.49
N LYS C 156 -23.27 5.98 15.56
CA LYS C 156 -22.66 7.10 14.86
C LYS C 156 -21.45 7.62 15.62
N LYS C 157 -20.30 7.60 14.94
CA LYS C 157 -19.05 8.05 15.51
C LYS C 157 -18.69 9.44 15.01
N CYS C 158 -18.93 9.70 13.73
CA CYS C 158 -18.61 10.98 13.14
C CYS C 158 -19.74 11.52 12.26
N GLU C 159 -20.21 12.73 12.55
CA GLU C 159 -21.28 13.35 11.76
C GLU C 159 -20.77 13.60 10.34
N ARG C 160 -21.67 13.96 9.40
CA ARG C 160 -21.24 14.18 8.02
C ARG C 160 -20.11 15.18 7.91
N TYR C 161 -19.86 15.79 6.74
CA TYR C 161 -18.64 16.60 6.70
C TYR C 161 -18.19 17.01 5.29
N TRP C 162 -17.84 15.99 4.51
CA TRP C 162 -17.34 16.17 3.15
C TRP C 162 -18.35 15.96 2.03
N ALA C 163 -17.86 15.82 0.80
CA ALA C 163 -18.71 15.62 -0.37
C ALA C 163 -18.16 14.48 -1.19
N GLU C 164 -19.04 13.69 -1.79
CA GLU C 164 -18.59 12.56 -2.57
C GLU C 164 -18.90 12.70 -4.06
N PRO C 165 -18.16 11.96 -4.91
CA PRO C 165 -18.33 12.00 -6.37
C PRO C 165 -19.77 12.04 -6.86
N GLY C 166 -20.03 12.97 -7.78
CA GLY C 166 -21.34 13.12 -8.38
C GLY C 166 -22.43 13.54 -7.40
N GLU C 167 -22.05 13.85 -6.18
CA GLU C 167 -23.03 14.23 -5.16
C GLU C 167 -23.33 15.73 -5.11
N MET C 168 -22.83 16.47 -6.11
CA MET C 168 -23.02 17.93 -6.20
C MET C 168 -22.16 18.67 -5.16
N GLN C 169 -22.74 19.66 -4.48
CA GLN C 169 -21.98 20.44 -3.49
C GLN C 169 -22.69 20.68 -2.17
N LEU C 170 -22.13 20.15 -1.08
CA LEU C 170 -22.70 20.34 0.24
C LEU C 170 -22.47 21.76 0.73
N GLU C 171 -23.47 22.32 1.41
CA GLU C 171 -23.38 23.68 1.91
C GLU C 171 -23.44 23.77 3.42
N PHE C 172 -22.36 24.26 4.03
CA PHE C 172 -22.29 24.44 5.48
C PHE C 172 -22.08 25.94 5.66
N GLY C 173 -22.84 26.55 6.56
CA GLY C 173 -22.71 27.99 6.80
C GLY C 173 -22.34 28.69 5.50
N PRO C 174 -21.21 29.41 5.45
CA PRO C 174 -20.83 30.10 4.21
C PRO C 174 -19.78 29.27 3.48
N PHE C 175 -19.94 27.95 3.49
CA PHE C 175 -18.98 27.08 2.84
C PHE C 175 -19.65 26.03 1.95
N SER C 176 -19.22 25.97 0.70
CA SER C 176 -19.77 25.00 -0.23
C SER C 176 -18.70 23.99 -0.59
N VAL C 177 -18.73 22.83 0.06
CA VAL C 177 -17.74 21.78 -0.20
C VAL C 177 -18.18 20.83 -1.29
N SER C 178 -17.25 20.47 -2.17
CA SER C 178 -17.58 19.56 -3.27
C SER C 178 -16.41 18.67 -3.69
N CYS C 179 -16.72 17.41 -3.96
CA CYS C 179 -15.73 16.45 -4.41
C CYS C 179 -15.38 16.83 -5.84
N GLU C 180 -14.40 16.13 -6.40
CA GLU C 180 -13.95 16.38 -7.77
C GLU C 180 -13.33 15.08 -8.23
N ALA C 181 -12.54 14.49 -7.34
CA ALA C 181 -11.86 13.22 -7.59
C ALA C 181 -11.83 12.43 -6.30
N GLU C 182 -11.81 11.10 -6.45
CA GLU C 182 -11.79 10.20 -5.31
C GLU C 182 -10.88 9.02 -5.63
N LYS C 183 -9.79 8.91 -4.90
CA LYS C 183 -8.80 7.85 -5.12
C LYS C 183 -8.97 6.70 -4.12
N ARG C 184 -9.15 5.49 -4.64
CA ARG C 184 -9.30 4.33 -3.78
C ARG C 184 -8.00 3.53 -3.76
N LYS C 185 -7.56 3.19 -2.56
CA LYS C 185 -6.35 2.42 -2.36
C LYS C 185 -6.53 1.57 -1.10
N SER C 186 -5.95 0.37 -1.11
CA SER C 186 -6.03 -0.55 0.03
C SER C 186 -7.21 -0.26 0.95
N ASP C 187 -6.94 0.14 2.19
CA ASP C 187 -8.00 0.45 3.14
C ASP C 187 -8.15 1.93 3.42
N TYR C 188 -7.92 2.77 2.41
CA TYR C 188 -8.09 4.19 2.60
C TYR C 188 -8.32 4.89 1.27
N ILE C 189 -9.05 6.01 1.31
CA ILE C 189 -9.38 6.77 0.11
C ILE C 189 -9.01 8.25 0.19
N ILE C 190 -8.38 8.75 -0.87
CA ILE C 190 -7.98 10.16 -0.95
C ILE C 190 -9.07 10.94 -1.70
N ARG C 191 -9.74 11.85 -1.00
CA ARG C 191 -10.79 12.64 -1.64
C ARG C 191 -10.30 14.04 -2.00
N THR C 192 -10.20 14.30 -3.30
CA THR C 192 -9.77 15.61 -3.80
C THR C 192 -10.91 16.60 -3.58
N LEU C 193 -10.78 17.47 -2.58
CA LEU C 193 -11.84 18.45 -2.29
C LEU C 193 -11.67 19.81 -2.96
N LYS C 194 -12.75 20.60 -2.88
CA LYS C 194 -12.81 21.95 -3.44
C LYS C 194 -13.83 22.75 -2.64
N VAL C 195 -13.38 23.65 -1.77
CA VAL C 195 -14.30 24.44 -0.97
C VAL C 195 -14.43 25.89 -1.47
N LYS C 196 -15.48 26.57 -1.03
CA LYS C 196 -15.70 27.96 -1.45
C LYS C 196 -16.20 28.81 -0.30
N PHE C 197 -15.60 30.01 -0.21
CA PHE C 197 -15.95 30.97 0.83
C PHE C 197 -15.63 32.35 0.27
N ASN C 198 -16.53 33.29 0.49
CA ASN C 198 -16.37 34.66 0.03
C ASN C 198 -15.42 34.85 -1.15
N SER C 199 -15.81 34.31 -2.30
CA SER C 199 -15.03 34.42 -3.54
C SER C 199 -13.78 33.54 -3.63
N GLU C 200 -13.44 32.82 -2.56
CA GLU C 200 -12.25 31.97 -2.56
C GLU C 200 -12.51 30.47 -2.62
N THR C 201 -11.66 29.78 -3.38
CA THR C 201 -11.78 28.33 -3.57
C THR C 201 -10.44 27.62 -3.39
N ARG C 202 -10.26 26.97 -2.25
CA ARG C 202 -9.01 26.25 -1.96
C ARG C 202 -9.11 24.81 -2.45
N THR C 203 -8.14 23.99 -2.06
CA THR C 203 -8.15 22.59 -2.45
C THR C 203 -7.64 21.70 -1.32
N ILE C 204 -8.54 21.37 -0.41
CA ILE C 204 -8.23 20.53 0.74
C ILE C 204 -8.19 19.07 0.30
N TYR C 205 -7.35 18.30 0.96
CA TYR C 205 -7.23 16.87 0.65
C TYR C 205 -7.54 16.02 1.88
N GLN C 206 -8.55 15.16 1.77
CA GLN C 206 -8.94 14.30 2.89
C GLN C 206 -8.49 12.85 2.71
N PHE C 207 -7.97 12.27 3.78
CA PHE C 207 -7.50 10.89 3.75
C PHE C 207 -8.32 10.04 4.71
N HIS C 208 -9.36 9.42 4.14
CA HIS C 208 -10.28 8.56 4.88
C HIS C 208 -9.73 7.15 5.00
N TYR C 209 -9.20 6.83 6.17
CA TYR C 209 -8.62 5.53 6.47
C TYR C 209 -9.69 4.66 7.13
N LYS C 210 -10.14 3.66 6.38
CA LYS C 210 -11.18 2.76 6.85
C LYS C 210 -10.67 1.75 7.88
N ASN C 211 -9.95 0.74 7.42
CA ASN C 211 -9.45 -0.30 8.30
C ASN C 211 -8.44 0.19 9.36
N TRP C 212 -7.90 -0.77 10.10
CA TRP C 212 -6.94 -0.49 11.15
C TRP C 212 -5.97 -1.67 11.24
N PRO C 213 -4.73 -1.44 11.70
CA PRO C 213 -3.74 -2.52 11.81
C PRO C 213 -4.00 -3.51 12.93
N ASP C 214 -3.43 -4.71 12.81
CA ASP C 214 -3.61 -5.70 13.86
C ASP C 214 -2.53 -5.55 14.93
N HIS C 215 -2.94 -4.93 16.04
CA HIS C 215 -2.11 -4.70 17.22
C HIS C 215 -1.01 -5.74 17.31
N ASP C 216 -1.38 -7.00 17.10
CA ASP C 216 -0.41 -8.10 17.15
C ASP C 216 0.29 -8.32 15.81
N VAL C 217 -0.48 -8.26 14.73
CA VAL C 217 0.07 -8.50 13.40
C VAL C 217 0.85 -7.34 12.78
N PRO C 218 2.06 -7.64 12.28
CA PRO C 218 2.94 -6.66 11.64
C PRO C 218 2.48 -6.38 10.21
N SER C 219 2.30 -7.45 9.43
CA SER C 219 1.86 -7.34 8.04
C SER C 219 0.57 -6.53 7.91
N SER C 220 -0.11 -6.33 9.03
CA SER C 220 -1.36 -5.58 9.07
C SER C 220 -1.14 -4.12 9.44
N ILE C 221 0.09 -3.76 9.75
CA ILE C 221 0.40 -2.38 10.14
C ILE C 221 1.22 -1.68 9.07
N ASP C 222 0.83 -1.86 7.81
CA ASP C 222 1.53 -1.24 6.68
C ASP C 222 0.73 -0.09 6.08
N PRO C 223 -0.56 -0.33 5.75
CA PRO C 223 -1.38 0.74 5.18
C PRO C 223 -1.35 1.95 6.10
N ILE C 224 -1.13 1.68 7.38
CA ILE C 224 -1.06 2.72 8.39
C ILE C 224 0.15 3.60 8.03
N LEU C 225 1.23 2.97 7.57
CA LEU C 225 2.42 3.70 7.18
C LEU C 225 2.23 4.36 5.82
N GLU C 226 1.64 3.61 4.88
CA GLU C 226 1.37 4.14 3.53
C GLU C 226 0.62 5.45 3.68
N LEU C 227 -0.44 5.40 4.47
CA LEU C 227 -1.27 6.56 4.73
C LEU C 227 -0.41 7.77 5.12
N ILE C 228 0.51 7.59 6.06
CA ILE C 228 1.39 8.68 6.50
C ILE C 228 2.46 9.06 5.47
N TRP C 229 2.76 8.14 4.55
CA TRP C 229 3.73 8.39 3.49
C TRP C 229 3.10 9.36 2.48
N ASP C 230 1.88 9.03 2.04
CA ASP C 230 1.14 9.85 1.08
C ASP C 230 0.90 11.23 1.67
N VAL C 231 0.31 11.28 2.87
CA VAL C 231 0.06 12.54 3.52
C VAL C 231 1.34 13.37 3.50
N ARG C 232 2.48 12.69 3.41
CA ARG C 232 3.75 13.40 3.39
C ARG C 232 4.31 13.69 2.01
N CYS C 233 3.89 12.94 0.99
CA CYS C 233 4.39 13.28 -0.33
C CYS C 233 3.34 14.19 -0.95
N TYR C 234 2.54 14.76 -0.06
CA TYR C 234 1.48 15.69 -0.41
C TYR C 234 1.82 17.03 0.25
N GLN C 235 2.15 17.00 1.54
CA GLN C 235 2.57 18.20 2.28
C GLN C 235 3.84 17.83 3.05
N GLU C 236 4.95 17.71 2.32
CA GLU C 236 6.23 17.34 2.91
C GLU C 236 6.68 18.16 4.13
N ASP C 237 6.21 19.40 4.24
CA ASP C 237 6.65 20.24 5.35
C ASP C 237 5.62 20.47 6.45
N ASP C 238 5.77 21.60 7.15
CA ASP C 238 4.89 21.97 8.25
C ASP C 238 4.53 23.45 8.23
N SER C 239 4.39 24.01 7.04
CA SER C 239 4.03 25.42 6.87
C SER C 239 2.63 25.62 7.42
N VAL C 240 1.73 24.71 7.07
CA VAL C 240 0.33 24.75 7.52
C VAL C 240 -0.04 23.47 8.28
N PRO C 241 -0.81 23.61 9.37
CA PRO C 241 -1.25 22.48 10.21
C PRO C 241 -1.92 21.36 9.41
N ILE C 242 -1.92 20.17 10.00
CA ILE C 242 -2.54 19.00 9.40
C ILE C 242 -3.59 18.50 10.36
N CYS C 243 -4.84 18.50 9.94
CA CYS C 243 -5.87 18.04 10.85
C CYS C 243 -6.00 16.53 10.89
N ILE C 244 -6.02 16.00 12.10
CA ILE C 244 -6.19 14.58 12.32
C ILE C 244 -7.35 14.49 13.29
N HIS C 245 -8.33 13.66 12.98
CA HIS C 245 -9.51 13.51 13.83
C HIS C 245 -9.96 12.07 13.90
N SER C 246 -10.77 11.77 14.91
CA SER C 246 -11.32 10.43 15.09
C SER C 246 -12.65 10.58 15.83
N SER C 247 -13.17 9.50 16.40
CA SER C 247 -14.42 9.62 17.15
C SER C 247 -14.24 10.73 18.17
N ALA C 248 -13.25 10.60 19.06
CA ALA C 248 -12.98 11.61 20.08
C ALA C 248 -11.73 12.42 19.75
N GLY C 249 -10.82 11.83 19.00
CA GLY C 249 -9.60 12.53 18.63
C GLY C 249 -8.48 12.40 19.66
N CYS C 250 -8.19 11.17 20.07
CA CYS C 250 -7.15 10.90 21.05
C CYS C 250 -6.38 9.65 20.68
N GLY C 251 -7.09 8.53 20.62
CA GLY C 251 -6.49 7.26 20.28
C GLY C 251 -5.88 7.22 18.89
N ARG C 252 -6.68 6.82 17.90
CA ARG C 252 -6.22 6.74 16.52
C ARG C 252 -5.59 8.05 16.06
N THR C 253 -6.01 9.16 16.67
CA THR C 253 -5.45 10.46 16.30
C THR C 253 -3.99 10.49 16.75
N GLY C 254 -3.76 10.21 18.05
CA GLY C 254 -2.43 10.20 18.60
C GLY C 254 -1.53 9.15 17.97
N VAL C 255 -2.14 8.19 17.30
CA VAL C 255 -1.37 7.13 16.65
C VAL C 255 -0.91 7.51 15.24
N ILE C 256 -1.42 8.61 14.72
CA ILE C 256 -1.04 9.04 13.38
C ILE C 256 -0.07 10.19 13.45
N CYS C 257 -0.09 10.93 14.55
CA CYS C 257 0.82 12.05 14.76
C CYS C 257 2.17 11.49 15.17
N ALA C 258 2.13 10.67 16.21
CA ALA C 258 3.32 10.03 16.74
C ALA C 258 4.11 9.30 15.66
N ILE C 259 3.43 8.54 14.83
CA ILE C 259 4.13 7.81 13.78
C ILE C 259 4.60 8.72 12.66
N ASP C 260 3.98 9.88 12.55
CA ASP C 260 4.37 10.83 11.52
C ASP C 260 5.52 11.68 12.07
N TYR C 261 5.37 12.05 13.34
CA TYR C 261 6.35 12.85 14.09
C TYR C 261 7.68 12.12 14.08
N THR C 262 7.63 10.81 14.26
CA THR C 262 8.83 10.00 14.28
C THR C 262 9.38 9.87 12.85
N TRP C 263 8.54 9.39 11.95
CA TRP C 263 8.93 9.23 10.54
C TRP C 263 9.56 10.53 10.06
N MET C 264 9.19 11.62 10.72
CA MET C 264 9.71 12.95 10.40
C MET C 264 11.16 13.00 10.83
N LEU C 265 11.39 12.77 12.12
CA LEU C 265 12.75 12.76 12.67
C LEU C 265 13.60 11.73 11.94
N LEU C 266 13.04 10.54 11.74
CA LEU C 266 13.72 9.45 11.06
C LEU C 266 14.05 9.84 9.62
N LYS C 267 13.14 10.55 8.97
CA LYS C 267 13.30 10.97 7.58
C LYS C 267 14.40 12.02 7.39
N ASP C 268 14.63 12.84 8.41
CA ASP C 268 15.66 13.87 8.32
C ASP C 268 16.92 13.56 9.11
N GLY C 269 17.10 12.27 9.43
CA GLY C 269 18.26 11.82 10.18
C GLY C 269 18.53 12.62 11.44
N ILE C 270 17.51 12.81 12.28
CA ILE C 270 17.70 13.57 13.51
C ILE C 270 17.11 12.91 14.77
N ILE C 271 17.06 11.59 14.78
CA ILE C 271 16.52 10.86 15.92
C ILE C 271 17.46 10.97 17.13
N PRO C 272 16.98 11.57 18.23
CA PRO C 272 17.77 11.74 19.46
C PRO C 272 18.47 10.46 19.91
N GLU C 273 19.32 10.58 20.92
CA GLU C 273 20.04 9.42 21.44
C GLU C 273 19.14 8.87 22.54
N ASN C 274 18.41 9.78 23.19
CA ASN C 274 17.48 9.43 24.26
C ASN C 274 16.06 9.40 23.69
N PHE C 275 15.95 9.06 22.41
CA PHE C 275 14.65 9.00 21.74
C PHE C 275 13.75 8.01 22.48
N SER C 276 12.44 8.26 22.49
CA SER C 276 11.55 7.37 23.19
C SER C 276 10.09 7.45 22.76
N VAL C 277 9.55 6.31 22.33
CA VAL C 277 8.16 6.24 21.92
C VAL C 277 7.27 6.40 23.16
N PHE C 278 7.89 6.56 24.32
CA PHE C 278 7.16 6.74 25.57
C PHE C 278 7.15 8.22 25.89
N SER C 279 8.33 8.82 25.90
CA SER C 279 8.45 10.23 26.22
C SER C 279 7.65 11.02 25.20
N LEU C 280 7.77 10.64 23.93
CA LEU C 280 7.04 11.30 22.86
C LEU C 280 5.55 11.36 23.18
N ILE C 281 4.95 10.19 23.42
CA ILE C 281 3.53 10.11 23.74
C ILE C 281 3.22 10.89 25.01
N ARG C 282 4.22 11.06 25.87
CA ARG C 282 3.97 11.81 27.09
C ARG C 282 3.82 13.26 26.70
N GLU C 283 4.51 13.68 25.64
CA GLU C 283 4.43 15.05 25.16
C GLU C 283 3.07 15.22 24.56
N MET C 284 2.78 14.43 23.52
CA MET C 284 1.48 14.49 22.87
C MET C 284 0.42 14.77 23.92
N ARG C 285 0.40 13.91 24.94
CA ARG C 285 -0.55 13.97 26.06
C ARG C 285 -0.47 15.21 26.96
N THR C 286 0.47 16.10 26.71
CA THR C 286 0.59 17.33 27.51
C THR C 286 0.06 18.50 26.71
N GLN C 287 -0.48 18.18 25.53
CA GLN C 287 -1.05 19.17 24.63
C GLN C 287 -2.43 18.68 24.21
N ARG C 288 -2.71 17.41 24.47
CA ARG C 288 -3.97 16.79 24.11
C ARG C 288 -4.29 15.64 25.04
N PRO C 289 -5.48 15.67 25.68
CA PRO C 289 -5.92 14.63 26.61
C PRO C 289 -6.06 13.22 26.01
N SER C 290 -5.69 12.22 26.80
CA SER C 290 -5.77 10.83 26.39
C SER C 290 -5.20 10.47 25.04
N LEU C 291 -4.24 11.25 24.55
CA LEU C 291 -3.65 10.91 23.26
C LEU C 291 -3.25 9.44 23.38
N VAL C 292 -3.52 8.64 22.36
CA VAL C 292 -3.20 7.21 22.45
C VAL C 292 -4.01 6.74 23.66
N GLN C 293 -5.25 6.31 23.41
CA GLN C 293 -6.20 5.88 24.45
C GLN C 293 -6.02 4.48 25.05
N THR C 294 -5.85 3.46 24.21
CA THR C 294 -5.69 2.13 24.76
C THR C 294 -4.33 1.49 24.50
N GLN C 295 -3.88 0.75 25.52
CA GLN C 295 -2.61 0.06 25.49
C GLN C 295 -2.31 -0.58 24.14
N GLU C 296 -3.33 -1.19 23.53
CA GLU C 296 -3.14 -1.83 22.23
C GLU C 296 -2.71 -0.82 21.18
N GLN C 297 -3.14 0.42 21.33
CA GLN C 297 -2.76 1.45 20.37
C GLN C 297 -1.33 1.84 20.66
N TYR C 298 -1.01 1.99 21.94
CA TYR C 298 0.34 2.34 22.36
C TYR C 298 1.29 1.37 21.68
N GLU C 299 1.12 0.09 21.98
CA GLU C 299 1.95 -0.95 21.40
C GLU C 299 2.06 -0.80 19.88
N LEU C 300 1.01 -0.28 19.25
CA LEU C 300 0.99 -0.07 17.81
C LEU C 300 2.00 1.00 17.41
N VAL C 301 1.95 2.14 18.11
CA VAL C 301 2.88 3.25 17.89
C VAL C 301 4.28 2.66 17.87
N TYR C 302 4.55 1.84 18.87
CA TYR C 302 5.84 1.18 19.00
C TYR C 302 6.17 0.26 17.82
N ASN C 303 5.34 -0.76 17.59
CA ASN C 303 5.59 -1.69 16.49
C ASN C 303 5.72 -1.03 15.12
N ALA C 304 5.06 0.10 14.94
CA ALA C 304 5.14 0.82 13.67
C ALA C 304 6.50 1.50 13.68
N VAL C 305 6.79 2.22 14.76
CA VAL C 305 8.07 2.90 14.90
C VAL C 305 9.18 1.89 14.62
N LEU C 306 9.22 0.84 15.42
CA LEU C 306 10.23 -0.18 15.23
C LEU C 306 10.18 -0.71 13.80
N GLU C 307 8.98 -0.68 13.22
CA GLU C 307 8.80 -1.16 11.85
C GLU C 307 9.47 -0.24 10.83
N LEU C 308 9.54 1.05 11.15
CA LEU C 308 10.17 2.04 10.27
C LEU C 308 11.69 1.88 10.30
N PHE C 309 12.26 2.00 11.50
CA PHE C 309 13.71 1.86 11.67
C PHE C 309 14.26 0.72 10.84
N LYS C 310 13.82 -0.50 11.14
CA LYS C 310 14.29 -1.67 10.42
C LYS C 310 14.40 -1.38 8.92
N ARG C 311 13.32 -0.82 8.37
CA ARG C 311 13.25 -0.49 6.95
C ARG C 311 14.24 0.60 6.54
N GLN C 312 14.73 1.36 7.52
CA GLN C 312 15.65 2.46 7.27
C GLN C 312 17.06 2.09 6.84
N MET C 313 17.54 0.92 7.23
CA MET C 313 18.89 0.48 6.86
C MET C 313 18.97 0.15 5.35
N MET D 20 -62.61 -6.11 -29.21
CA MET D 20 -62.41 -5.28 -28.00
C MET D 20 -61.55 -6.00 -26.97
N ASP D 21 -60.31 -5.54 -26.81
CA ASP D 21 -59.37 -6.12 -25.87
C ASP D 21 -58.26 -5.14 -25.52
N GLN D 22 -57.20 -5.64 -24.90
CA GLN D 22 -56.08 -4.78 -24.51
C GLN D 22 -55.35 -4.18 -25.71
N ARG D 23 -54.87 -5.04 -26.60
CA ARG D 23 -54.14 -4.59 -27.79
C ARG D 23 -54.97 -3.59 -28.59
N GLU D 24 -56.24 -3.47 -28.24
CA GLU D 24 -57.15 -2.56 -28.91
C GLU D 24 -57.23 -1.26 -28.11
N ILE D 25 -57.38 -1.39 -26.80
CA ILE D 25 -57.46 -0.22 -25.93
C ILE D 25 -56.15 0.55 -25.97
N LEU D 26 -55.03 -0.17 -25.88
CA LEU D 26 -53.73 0.47 -25.93
C LEU D 26 -53.64 1.27 -27.22
N GLN D 27 -53.71 0.57 -28.35
CA GLN D 27 -53.67 1.20 -29.67
C GLN D 27 -54.46 2.52 -29.65
N LYS D 28 -55.51 2.58 -28.84
CA LYS D 28 -56.31 3.78 -28.75
C LYS D 28 -55.59 4.81 -27.88
N PHE D 29 -55.33 4.45 -26.63
CA PHE D 29 -54.66 5.38 -25.72
C PHE D 29 -53.31 5.73 -26.33
N LEU D 30 -52.72 4.73 -26.98
CA LEU D 30 -51.43 4.88 -27.64
C LEU D 30 -51.49 6.02 -28.65
N ASP D 31 -52.20 5.79 -29.76
CA ASP D 31 -52.33 6.79 -30.81
C ASP D 31 -53.16 8.01 -30.44
N GLU D 32 -53.92 7.91 -29.36
CA GLU D 32 -54.73 9.04 -28.93
C GLU D 32 -53.78 10.23 -28.74
N ALA D 33 -52.52 9.94 -28.46
CA ALA D 33 -51.51 10.97 -28.25
C ALA D 33 -50.49 10.97 -29.38
N GLN D 34 -50.37 9.83 -30.06
CA GLN D 34 -49.44 9.67 -31.16
C GLN D 34 -49.79 10.62 -32.31
N SER D 35 -51.06 10.99 -32.39
CA SER D 35 -51.54 11.89 -33.44
C SER D 35 -51.74 13.27 -32.82
N LYS D 36 -52.12 13.29 -31.53
CA LYS D 36 -52.33 14.53 -30.82
C LYS D 36 -51.21 14.67 -29.81
N LYS D 37 -50.16 15.38 -30.20
CA LYS D 37 -49.00 15.62 -29.34
C LYS D 37 -49.37 16.64 -28.29
N ILE D 38 -49.06 16.35 -27.03
CA ILE D 38 -49.38 17.27 -25.96
C ILE D 38 -48.24 18.28 -25.87
N THR D 39 -48.58 19.51 -25.53
CA THR D 39 -47.58 20.56 -25.40
C THR D 39 -47.36 20.91 -23.93
N LYS D 40 -46.26 21.56 -23.63
CA LYS D 40 -45.94 21.94 -22.25
C LYS D 40 -47.10 22.70 -21.60
N GLU D 41 -47.92 23.37 -22.41
CA GLU D 41 -49.06 24.11 -21.88
C GLU D 41 -50.14 23.13 -21.41
N GLU D 42 -50.60 22.29 -22.33
CA GLU D 42 -51.63 21.31 -22.00
C GLU D 42 -51.21 20.57 -20.74
N PHE D 43 -49.94 20.16 -20.68
CA PHE D 43 -49.41 19.45 -19.52
C PHE D 43 -49.47 20.29 -18.26
N ALA D 44 -49.20 21.59 -18.40
CA ALA D 44 -49.25 22.49 -17.26
C ALA D 44 -50.73 22.70 -16.90
N ASN D 45 -51.57 22.77 -17.94
CA ASN D 45 -53.00 22.97 -17.78
C ASN D 45 -53.63 21.79 -17.04
N GLU D 46 -53.27 20.58 -17.47
CA GLU D 46 -53.77 19.36 -16.84
C GLU D 46 -53.40 19.39 -15.36
N PHE D 47 -52.09 19.43 -15.12
CA PHE D 47 -51.53 19.46 -13.78
C PHE D 47 -52.10 20.59 -12.93
N LEU D 48 -52.52 21.67 -13.59
CA LEU D 48 -53.09 22.80 -12.89
C LEU D 48 -54.29 22.38 -12.05
N LYS D 49 -55.19 21.58 -12.64
CA LYS D 49 -56.38 21.13 -11.91
C LYS D 49 -56.02 20.28 -10.70
N LEU D 50 -54.82 19.72 -10.73
CA LEU D 50 -54.31 18.87 -9.65
C LEU D 50 -54.10 19.61 -8.33
N LYS D 51 -53.36 20.72 -8.38
CA LYS D 51 -53.11 21.51 -7.18
C LYS D 51 -54.40 22.16 -6.72
N ARG D 52 -55.18 22.60 -7.71
CA ARG D 52 -56.46 23.24 -7.46
C ARG D 52 -57.29 22.33 -6.57
N GLN D 53 -57.54 21.12 -7.06
CA GLN D 53 -58.32 20.16 -6.31
C GLN D 53 -57.72 20.13 -4.91
N SER D 54 -56.44 19.76 -4.84
CA SER D 54 -55.71 19.69 -3.59
C SER D 54 -56.03 20.92 -2.74
N THR D 55 -56.02 22.09 -3.38
CA THR D 55 -56.32 23.34 -2.70
C THR D 55 -57.70 23.19 -2.04
N LYS D 56 -58.77 23.35 -2.82
CA LYS D 56 -60.12 23.18 -2.27
C LYS D 56 -60.23 21.73 -1.85
N TYR D 57 -59.37 21.38 -0.91
CA TYR D 57 -59.28 20.03 -0.40
C TYR D 57 -58.51 20.27 0.89
N LYS D 58 -58.23 21.54 1.14
CA LYS D 58 -57.49 22.01 2.31
C LYS D 58 -58.19 23.24 2.90
N ALA D 59 -58.45 24.22 2.04
CA ALA D 59 -59.13 25.44 2.45
C ALA D 59 -60.57 25.09 2.80
N ASP D 60 -60.89 23.80 2.68
CA ASP D 60 -62.22 23.27 2.97
C ASP D 60 -62.10 22.15 3.99
N LYS D 61 -60.87 21.80 4.34
CA LYS D 61 -60.62 20.72 5.30
C LYS D 61 -61.27 19.42 4.84
N THR D 62 -61.34 19.24 3.52
CA THR D 62 -61.94 18.06 2.90
C THR D 62 -61.26 16.77 3.36
N TYR D 63 -60.11 16.89 4.01
CA TYR D 63 -59.37 15.73 4.52
C TYR D 63 -58.57 16.10 5.78
N PRO D 64 -59.18 15.91 6.97
CA PRO D 64 -58.56 16.22 8.26
C PRO D 64 -57.08 15.86 8.36
N THR D 65 -56.38 16.50 9.30
CA THR D 65 -54.95 16.28 9.51
C THR D 65 -54.53 16.53 10.96
N THR D 66 -55.45 17.06 11.76
CA THR D 66 -55.23 17.38 13.18
C THR D 66 -54.14 16.59 13.92
N VAL D 67 -54.30 15.28 13.99
CA VAL D 67 -53.35 14.43 14.69
C VAL D 67 -51.92 14.62 14.18
N ALA D 68 -51.75 14.60 12.86
CA ALA D 68 -50.44 14.76 12.24
C ALA D 68 -49.74 16.09 12.54
N GLU D 69 -50.48 17.06 13.06
CA GLU D 69 -49.89 18.36 13.37
C GLU D 69 -49.87 18.62 14.87
N LYS D 70 -50.24 17.62 15.65
CA LYS D 70 -50.23 17.77 17.10
C LYS D 70 -48.80 18.12 17.48
N PRO D 71 -48.63 19.03 18.44
CA PRO D 71 -47.27 19.42 18.85
C PRO D 71 -46.36 18.22 19.07
N LYS D 72 -46.81 17.31 19.93
CA LYS D 72 -46.06 16.10 20.27
C LYS D 72 -45.49 15.38 19.05
N ASN D 73 -45.92 15.77 17.85
CA ASN D 73 -45.46 15.09 16.63
C ASN D 73 -44.99 15.98 15.48
N ILE D 74 -44.98 17.30 15.68
CA ILE D 74 -44.54 18.18 14.60
C ILE D 74 -43.02 18.19 14.46
N LYS D 75 -42.36 17.34 15.25
CA LYS D 75 -40.91 17.22 15.22
C LYS D 75 -40.53 15.95 14.46
N LYS D 76 -41.53 15.11 14.22
CA LYS D 76 -41.33 13.85 13.51
C LYS D 76 -41.65 14.04 12.02
N ASN D 77 -41.98 15.29 11.66
CA ASN D 77 -42.30 15.64 10.28
C ASN D 77 -41.06 15.72 9.42
N ARG D 78 -40.77 16.92 8.92
CA ARG D 78 -39.62 17.21 8.06
C ARG D 78 -39.97 18.34 7.09
N TYR D 79 -41.25 18.43 6.77
CA TYR D 79 -41.73 19.47 5.87
C TYR D 79 -43.12 19.83 6.39
N LYS D 80 -43.22 20.87 7.21
CA LYS D 80 -44.52 21.25 7.74
C LYS D 80 -45.59 21.33 6.68
N ASP D 81 -45.22 21.68 5.45
CA ASP D 81 -46.20 21.77 4.38
C ASP D 81 -46.62 20.38 3.88
N ILE D 82 -46.06 19.32 4.46
CA ILE D 82 -46.39 17.96 4.06
C ILE D 82 -46.76 17.07 5.24
N LEU D 83 -47.96 17.24 5.78
CA LEU D 83 -48.44 16.44 6.91
C LEU D 83 -49.14 15.19 6.36
N PRO D 84 -49.08 14.06 7.09
CA PRO D 84 -49.78 12.86 6.58
C PRO D 84 -51.30 13.07 6.67
N TYR D 85 -52.08 12.04 6.32
CA TYR D 85 -53.55 12.16 6.35
C TYR D 85 -54.20 11.41 7.51
N ASP D 86 -54.83 12.13 8.45
CA ASP D 86 -55.48 11.43 9.55
C ASP D 86 -56.27 10.27 8.96
N TYR D 87 -57.01 10.56 7.89
CA TYR D 87 -57.84 9.58 7.16
C TYR D 87 -57.11 8.32 6.69
N SER D 88 -55.90 8.47 6.18
CA SER D 88 -55.14 7.33 5.68
C SER D 88 -53.77 7.10 6.34
N ARG D 89 -53.35 8.04 7.16
CA ARG D 89 -52.06 7.96 7.85
C ARG D 89 -51.80 6.64 8.54
N VAL D 90 -50.70 6.00 8.14
CA VAL D 90 -50.29 4.74 8.74
C VAL D 90 -50.04 5.04 10.21
N GLU D 91 -50.28 4.05 11.07
CA GLU D 91 -50.08 4.26 12.50
C GLU D 91 -49.10 3.28 13.09
N LEU D 92 -48.51 3.67 14.20
CA LEU D 92 -47.54 2.84 14.90
C LEU D 92 -48.24 2.22 16.10
N SER D 93 -48.11 0.91 16.22
CA SER D 93 -48.73 0.16 17.32
C SER D 93 -47.67 -0.62 18.10
N LEU D 94 -46.60 -0.99 17.41
CA LEU D 94 -45.51 -1.74 18.01
C LEU D 94 -44.64 -0.87 18.91
N ILE D 95 -44.91 -0.89 20.21
CA ILE D 95 -44.15 -0.10 21.18
C ILE D 95 -42.82 -0.78 21.49
N THR D 96 -41.78 0.01 21.73
CA THR D 96 -40.46 -0.53 22.03
C THR D 96 -39.87 0.23 23.22
N SER D 97 -40.68 1.12 23.78
CA SER D 97 -40.29 1.92 24.93
C SER D 97 -41.52 2.71 25.39
N ASP D 98 -41.46 3.22 26.61
CA ASP D 98 -42.56 3.98 27.19
C ASP D 98 -42.88 5.21 26.33
N GLU D 99 -42.00 5.48 25.36
CA GLU D 99 -42.16 6.62 24.46
C GLU D 99 -42.24 6.17 22.99
N ASP D 100 -43.43 5.78 22.55
CA ASP D 100 -43.58 5.34 21.16
C ASP D 100 -44.89 5.75 20.50
N SER D 101 -45.14 7.04 20.44
CA SER D 101 -46.36 7.53 19.80
C SER D 101 -46.58 6.83 18.46
N SER D 102 -47.85 6.70 18.08
CA SER D 102 -48.23 6.07 16.83
C SER D 102 -47.88 6.93 15.63
N TYR D 103 -47.69 8.22 15.86
CA TYR D 103 -47.38 9.12 14.78
C TYR D 103 -46.19 8.70 13.95
N ILE D 104 -46.17 9.22 12.73
CA ILE D 104 -45.12 8.98 11.75
C ILE D 104 -45.67 9.54 10.43
N ASN D 105 -44.81 10.24 9.69
CA ASN D 105 -45.20 10.83 8.42
C ASN D 105 -45.27 9.76 7.33
N ALA D 106 -46.45 9.15 7.18
CA ALA D 106 -46.67 8.10 6.18
C ALA D 106 -48.17 7.86 5.98
N ASN D 107 -48.56 7.59 4.74
CA ASN D 107 -49.95 7.34 4.38
C ASN D 107 -50.08 6.08 3.52
N PHE D 108 -51.14 5.30 3.75
CA PHE D 108 -51.36 4.10 2.95
C PHE D 108 -51.90 4.49 1.58
N ILE D 109 -51.52 3.73 0.56
CA ILE D 109 -51.96 4.04 -0.80
C ILE D 109 -52.57 2.81 -1.45
N LYS D 110 -53.85 2.91 -1.84
CA LYS D 110 -54.54 1.80 -2.49
C LYS D 110 -53.88 1.47 -3.82
N GLY D 111 -53.92 0.20 -4.17
CA GLY D 111 -53.35 -0.24 -5.43
C GLY D 111 -54.49 -0.72 -6.30
N VAL D 112 -54.18 -1.52 -7.31
CA VAL D 112 -55.20 -2.02 -8.21
C VAL D 112 -56.22 -2.88 -7.51
N TYR D 113 -55.77 -3.97 -6.89
CA TYR D 113 -56.68 -4.87 -6.21
C TYR D 113 -56.97 -4.60 -4.74
N GLY D 114 -56.33 -3.61 -4.13
CA GLY D 114 -56.64 -3.38 -2.73
C GLY D 114 -55.77 -2.42 -1.94
N PRO D 115 -56.35 -1.79 -0.91
CA PRO D 115 -55.70 -0.82 -0.02
C PRO D 115 -54.42 -1.33 0.64
N LYS D 116 -53.61 -0.41 1.16
CA LYS D 116 -52.36 -0.76 1.82
C LYS D 116 -51.39 -1.52 0.89
N ALA D 117 -51.45 -1.23 -0.41
CA ALA D 117 -50.56 -1.90 -1.34
C ALA D 117 -49.21 -1.18 -1.36
N TYR D 118 -49.26 0.14 -1.21
CA TYR D 118 -48.07 1.00 -1.20
C TYR D 118 -47.97 1.80 0.09
N ILE D 119 -46.75 2.17 0.45
CA ILE D 119 -46.48 2.98 1.63
C ILE D 119 -45.62 4.14 1.16
N ALA D 120 -46.07 5.36 1.41
CA ALA D 120 -45.32 6.54 1.00
C ALA D 120 -44.90 7.30 2.23
N THR D 121 -43.60 7.55 2.34
CA THR D 121 -43.08 8.27 3.49
C THR D 121 -41.79 9.04 3.18
N GLN D 122 -41.55 10.08 3.97
CA GLN D 122 -40.37 10.94 3.84
C GLN D 122 -39.12 10.19 4.26
N GLY D 123 -37.96 10.75 3.94
CA GLY D 123 -36.72 10.14 4.37
C GLY D 123 -36.71 10.29 5.88
N PRO D 124 -36.54 9.20 6.64
CA PRO D 124 -36.54 9.31 8.11
C PRO D 124 -35.56 10.35 8.64
N LEU D 125 -35.98 11.06 9.68
CA LEU D 125 -35.15 12.07 10.33
C LEU D 125 -34.22 11.35 11.30
N SER D 126 -33.82 12.05 12.35
CA SER D 126 -32.96 11.45 13.36
C SER D 126 -33.84 11.03 14.55
N THR D 127 -34.92 11.78 14.76
CA THR D 127 -35.84 11.50 15.85
C THR D 127 -36.98 10.62 15.37
N THR D 128 -36.72 9.83 14.33
CA THR D 128 -37.74 8.97 13.76
C THR D 128 -37.20 7.63 13.27
N LEU D 129 -35.88 7.56 13.14
CA LEU D 129 -35.22 6.33 12.69
C LEU D 129 -35.82 5.09 13.34
N LEU D 130 -36.09 5.19 14.64
CA LEU D 130 -36.67 4.07 15.37
C LEU D 130 -38.06 3.81 14.79
N ASP D 131 -38.83 4.89 14.61
CA ASP D 131 -40.18 4.79 14.06
C ASP D 131 -40.18 4.18 12.67
N PHE D 132 -39.29 4.66 11.80
CA PHE D 132 -39.23 4.10 10.46
C PHE D 132 -39.15 2.58 10.56
N TRP D 133 -38.38 2.10 11.51
CA TRP D 133 -38.22 0.66 11.67
C TRP D 133 -39.40 -0.01 12.35
N ARG D 134 -39.98 0.67 13.35
CA ARG D 134 -41.14 0.13 14.02
C ARG D 134 -42.10 -0.19 12.89
N MET D 135 -42.35 0.79 12.03
CA MET D 135 -43.25 0.61 10.90
C MET D 135 -42.88 -0.60 10.05
N ILE D 136 -41.81 -0.47 9.27
CA ILE D 136 -41.36 -1.55 8.41
C ILE D 136 -41.61 -2.93 9.01
N TRP D 137 -41.34 -3.06 10.31
CA TRP D 137 -41.52 -4.33 11.02
C TRP D 137 -42.96 -4.63 11.44
N GLU D 138 -43.66 -3.64 12.00
CA GLU D 138 -45.04 -3.84 12.43
C GLU D 138 -45.98 -4.16 11.26
N TYR D 139 -45.46 -4.09 10.05
CA TYR D 139 -46.26 -4.36 8.87
C TYR D 139 -45.58 -5.38 7.97
N SER D 140 -44.65 -6.14 8.52
CA SER D 140 -43.95 -7.17 7.77
C SER D 140 -43.50 -6.69 6.39
N VAL D 141 -42.94 -5.48 6.34
CA VAL D 141 -42.47 -4.86 5.09
C VAL D 141 -41.30 -5.60 4.48
N LEU D 142 -41.49 -6.18 3.29
CA LEU D 142 -40.41 -6.90 2.59
C LEU D 142 -39.50 -6.02 1.74
N ILE D 143 -40.08 -5.07 1.01
CA ILE D 143 -39.29 -4.18 0.16
C ILE D 143 -39.38 -2.72 0.50
N ILE D 144 -38.26 -2.04 0.29
CA ILE D 144 -38.11 -0.61 0.54
C ILE D 144 -37.63 0.03 -0.75
N VAL D 145 -38.08 1.25 -1.04
CA VAL D 145 -37.62 1.95 -2.24
C VAL D 145 -37.28 3.42 -1.95
N MET D 146 -35.97 3.70 -1.92
CA MET D 146 -35.45 5.05 -1.68
C MET D 146 -35.26 5.80 -3.00
N ALA D 147 -36.09 6.81 -3.21
CA ALA D 147 -36.03 7.64 -4.41
C ALA D 147 -35.60 9.05 -4.00
N CYS D 148 -34.31 9.19 -3.73
CA CYS D 148 -33.69 10.46 -3.32
C CYS D 148 -32.28 10.16 -2.83
N MET D 149 -31.50 11.21 -2.63
CA MET D 149 -30.13 11.08 -2.16
C MET D 149 -30.02 11.70 -0.78
N GLU D 150 -29.07 11.21 0.01
CA GLU D 150 -28.86 11.76 1.35
C GLU D 150 -28.59 13.25 1.18
N TYR D 151 -27.92 13.59 0.09
CA TYR D 151 -27.58 14.98 -0.20
C TYR D 151 -28.04 15.49 -1.57
N GLU D 152 -28.88 16.51 -1.54
CA GLU D 152 -29.43 17.13 -2.74
C GLU D 152 -29.51 18.63 -2.51
N MET D 153 -29.35 19.42 -3.57
CA MET D 153 -29.43 20.87 -3.44
C MET D 153 -28.53 21.39 -2.33
N GLY D 154 -27.44 20.67 -2.06
CA GLY D 154 -26.53 21.11 -1.02
C GLY D 154 -27.20 21.09 0.34
N LYS D 155 -28.02 20.07 0.58
CA LYS D 155 -28.72 19.91 1.85
C LYS D 155 -29.03 18.44 2.06
N LYS D 156 -29.05 18.01 3.32
CA LYS D 156 -29.33 16.63 3.67
C LYS D 156 -30.83 16.41 3.55
N LYS D 157 -31.19 15.38 2.80
CA LYS D 157 -32.59 15.05 2.58
C LYS D 157 -33.05 13.79 3.32
N CYS D 158 -32.09 12.98 3.77
CA CYS D 158 -32.43 11.75 4.48
C CYS D 158 -31.32 11.25 5.43
N GLU D 159 -31.69 11.01 6.69
CA GLU D 159 -30.76 10.52 7.71
C GLU D 159 -30.30 9.08 7.44
N ARG D 160 -29.53 8.50 8.38
CA ARG D 160 -29.04 7.13 8.20
C ARG D 160 -30.07 6.09 8.68
N TYR D 161 -30.68 5.56 7.64
CA TYR D 161 -31.75 4.60 7.55
C TYR D 161 -31.17 3.18 7.67
N TRP D 162 -30.60 2.72 6.57
CA TRP D 162 -30.01 1.40 6.44
C TRP D 162 -28.59 1.27 6.98
N ALA D 163 -27.84 0.33 6.39
CA ALA D 163 -26.45 0.05 6.76
C ALA D 163 -25.69 -0.43 5.51
N GLU D 164 -24.44 -0.01 5.37
CA GLU D 164 -23.64 -0.38 4.21
C GLU D 164 -22.63 -1.49 4.47
N PRO D 165 -22.28 -2.26 3.43
CA PRO D 165 -21.33 -3.38 3.47
C PRO D 165 -20.14 -3.22 4.44
N GLY D 166 -19.79 -4.33 5.10
CA GLY D 166 -18.68 -4.32 6.04
C GLY D 166 -18.78 -3.32 7.17
N GLU D 167 -19.85 -2.54 7.20
CA GLU D 167 -20.03 -1.54 8.25
C GLU D 167 -20.49 -2.18 9.55
N MET D 168 -20.39 -3.51 9.60
CA MET D 168 -20.78 -4.29 10.77
C MET D 168 -22.30 -4.31 10.93
N GLN D 169 -22.81 -3.66 11.98
CA GLN D 169 -24.24 -3.64 12.21
C GLN D 169 -24.71 -2.43 12.99
N LEU D 170 -25.68 -1.72 12.43
CA LEU D 170 -26.24 -0.55 13.08
C LEU D 170 -27.33 -1.00 14.04
N GLU D 171 -27.56 -0.22 15.10
CA GLU D 171 -28.55 -0.60 16.10
C GLU D 171 -29.49 0.55 16.48
N PHE D 172 -30.67 0.60 15.85
CA PHE D 172 -31.65 1.64 16.16
C PHE D 172 -32.55 1.07 17.25
N GLY D 173 -32.80 1.83 18.31
CA GLY D 173 -33.63 1.31 19.37
C GLY D 173 -33.38 -0.19 19.53
N PRO D 174 -34.43 -1.01 19.61
CA PRO D 174 -34.30 -2.46 19.76
C PRO D 174 -34.01 -3.20 18.44
N PHE D 175 -33.79 -2.42 17.38
CA PHE D 175 -33.51 -2.98 16.05
C PHE D 175 -32.04 -3.02 15.65
N SER D 176 -31.70 -3.98 14.80
CA SER D 176 -30.34 -4.16 14.33
C SER D 176 -30.29 -4.42 12.84
N VAL D 177 -29.66 -3.53 12.09
CA VAL D 177 -29.57 -3.69 10.64
C VAL D 177 -28.15 -4.00 10.18
N SER D 178 -28.04 -4.85 9.16
CA SER D 178 -26.74 -5.25 8.63
C SER D 178 -26.81 -5.60 7.14
N CYS D 179 -25.88 -5.06 6.38
CA CYS D 179 -25.86 -5.28 4.93
C CYS D 179 -25.20 -6.58 4.50
N GLU D 180 -26.01 -7.63 4.43
CA GLU D 180 -25.56 -8.95 4.03
C GLU D 180 -24.97 -8.93 2.62
N ALA D 181 -25.65 -8.27 1.71
CA ALA D 181 -25.20 -8.18 0.33
C ALA D 181 -25.66 -6.85 -0.22
N GLU D 182 -25.08 -6.46 -1.34
CA GLU D 182 -25.44 -5.21 -1.98
C GLU D 182 -25.04 -5.28 -3.44
N LYS D 183 -26.03 -5.26 -4.33
CA LYS D 183 -25.77 -5.29 -5.75
C LYS D 183 -25.89 -3.87 -6.28
N ARG D 184 -25.15 -3.58 -7.35
CA ARG D 184 -25.18 -2.24 -7.95
C ARG D 184 -25.49 -2.31 -9.45
N LYS D 185 -26.72 -1.97 -9.80
CA LYS D 185 -27.16 -1.98 -11.19
C LYS D 185 -27.18 -0.54 -11.68
N SER D 186 -27.69 -0.32 -12.89
CA SER D 186 -27.79 1.01 -13.52
C SER D 186 -27.55 2.19 -12.55
N ASP D 187 -28.56 3.05 -12.34
CA ASP D 187 -28.47 4.17 -11.40
C ASP D 187 -29.34 3.56 -10.34
N TYR D 188 -29.03 2.31 -10.02
CA TYR D 188 -29.89 1.52 -9.18
C TYR D 188 -29.15 0.51 -8.28
N ILE D 189 -29.42 0.57 -6.96
CA ILE D 189 -28.77 -0.34 -5.99
C ILE D 189 -29.76 -1.15 -5.13
N ILE D 190 -29.40 -2.40 -4.85
CA ILE D 190 -30.24 -3.28 -4.04
C ILE D 190 -29.48 -3.77 -2.80
N ARG D 191 -29.82 -3.22 -1.64
CA ARG D 191 -29.15 -3.61 -0.41
C ARG D 191 -29.84 -4.72 0.35
N THR D 192 -29.66 -5.96 -0.09
CA THR D 192 -30.24 -7.09 0.63
C THR D 192 -29.83 -6.88 2.09
N LEU D 193 -30.81 -6.70 2.97
CA LEU D 193 -30.53 -6.49 4.39
C LEU D 193 -30.88 -7.67 5.27
N LYS D 194 -30.55 -7.54 6.55
CA LYS D 194 -30.81 -8.55 7.58
C LYS D 194 -31.22 -7.74 8.79
N VAL D 195 -32.33 -8.10 9.43
CA VAL D 195 -32.78 -7.33 10.58
C VAL D 195 -33.31 -8.12 11.77
N LYS D 196 -32.71 -7.92 12.93
CA LYS D 196 -33.13 -8.58 14.14
C LYS D 196 -33.85 -7.54 14.97
N PHE D 197 -35.02 -7.91 15.50
CA PHE D 197 -35.77 -6.98 16.34
C PHE D 197 -35.38 -7.38 17.75
N ASN D 198 -36.01 -8.44 18.24
CA ASN D 198 -35.70 -8.95 19.57
C ASN D 198 -34.91 -10.25 19.40
N SER D 199 -35.55 -11.25 18.81
CA SER D 199 -34.91 -12.55 18.59
C SER D 199 -35.20 -13.07 17.19
N GLU D 200 -36.10 -12.37 16.49
CA GLU D 200 -36.52 -12.72 15.14
C GLU D 200 -35.65 -12.00 14.10
N THR D 201 -35.43 -12.64 12.95
CA THR D 201 -34.61 -12.08 11.87
C THR D 201 -35.40 -12.07 10.55
N ARG D 202 -35.18 -11.05 9.73
CA ARG D 202 -35.87 -10.92 8.44
C ARG D 202 -34.98 -10.32 7.35
N THR D 203 -35.34 -10.52 6.09
CA THR D 203 -34.58 -9.96 4.99
C THR D 203 -35.33 -8.80 4.36
N ILE D 204 -34.70 -7.63 4.42
CA ILE D 204 -35.29 -6.42 3.87
C ILE D 204 -34.54 -5.98 2.63
N TYR D 205 -35.11 -6.26 1.47
CA TYR D 205 -34.49 -5.85 0.23
C TYR D 205 -34.71 -4.34 0.01
N GLN D 206 -33.59 -3.60 -0.14
CA GLN D 206 -33.66 -2.16 -0.38
C GLN D 206 -33.18 -1.76 -1.77
N PHE D 207 -34.07 -1.09 -2.50
CA PHE D 207 -33.76 -0.62 -3.85
C PHE D 207 -33.46 0.87 -3.74
N HIS D 208 -32.34 1.29 -4.30
CA HIS D 208 -31.94 2.69 -4.24
C HIS D 208 -31.73 3.35 -5.60
N TYR D 209 -32.47 4.42 -5.84
CA TYR D 209 -32.41 5.16 -7.11
C TYR D 209 -31.68 6.48 -6.88
N LYS D 210 -30.58 6.68 -7.60
CA LYS D 210 -29.79 7.91 -7.46
C LYS D 210 -30.02 8.98 -8.53
N ASN D 211 -30.24 8.54 -9.76
CA ASN D 211 -30.44 9.47 -10.87
C ASN D 211 -31.87 9.43 -11.43
N TRP D 212 -32.68 10.40 -11.01
CA TRP D 212 -34.05 10.48 -11.48
C TRP D 212 -34.09 10.56 -13.00
N PRO D 213 -35.15 10.05 -13.63
CA PRO D 213 -35.20 10.11 -15.09
C PRO D 213 -35.28 11.58 -15.51
N ASP D 214 -34.66 11.92 -16.63
CA ASP D 214 -34.71 13.29 -17.09
C ASP D 214 -36.17 13.61 -17.39
N HIS D 215 -36.79 14.34 -16.47
CA HIS D 215 -38.19 14.74 -16.56
C HIS D 215 -38.80 14.69 -17.96
N ASP D 216 -38.04 15.14 -18.96
CA ASP D 216 -38.52 15.17 -20.33
C ASP D 216 -37.68 14.38 -21.34
N VAL D 217 -36.52 13.90 -20.96
CA VAL D 217 -35.70 13.13 -21.89
C VAL D 217 -36.04 11.64 -21.86
N PRO D 218 -36.42 11.06 -23.01
CA PRO D 218 -36.80 9.66 -23.22
C PRO D 218 -35.88 8.56 -22.68
N SER D 219 -34.61 8.61 -23.08
CA SER D 219 -33.63 7.60 -22.67
C SER D 219 -33.47 7.47 -21.16
N SER D 220 -33.69 8.58 -20.45
CA SER D 220 -33.53 8.58 -19.01
C SER D 220 -34.63 7.88 -18.22
N ILE D 221 -35.66 7.39 -18.90
CA ILE D 221 -36.78 6.73 -18.23
C ILE D 221 -36.57 5.23 -18.08
N ASP D 222 -35.90 4.62 -19.06
CA ASP D 222 -35.63 3.19 -19.04
C ASP D 222 -35.13 2.69 -17.69
N PRO D 223 -34.31 3.50 -16.98
CA PRO D 223 -33.81 3.05 -15.69
C PRO D 223 -34.91 2.77 -14.67
N ILE D 224 -35.72 3.78 -14.38
CA ILE D 224 -36.79 3.65 -13.41
C ILE D 224 -37.69 2.46 -13.77
N LEU D 225 -37.79 2.15 -15.06
CA LEU D 225 -38.61 1.02 -15.48
C LEU D 225 -37.95 -0.28 -15.04
N GLU D 226 -36.63 -0.25 -14.90
CA GLU D 226 -35.84 -1.39 -14.47
C GLU D 226 -36.01 -1.54 -12.96
N LEU D 227 -35.88 -0.42 -12.26
CA LEU D 227 -36.04 -0.42 -10.82
C LEU D 227 -37.39 -1.05 -10.53
N ILE D 228 -38.43 -0.42 -11.08
CA ILE D 228 -39.81 -0.86 -10.90
C ILE D 228 -40.00 -2.30 -11.35
N TRP D 229 -39.43 -2.65 -12.50
CA TRP D 229 -39.55 -4.01 -12.99
C TRP D 229 -38.83 -4.97 -12.08
N ASP D 230 -37.58 -4.65 -11.76
CA ASP D 230 -36.74 -5.48 -10.93
C ASP D 230 -37.26 -5.62 -9.50
N VAL D 231 -37.97 -4.61 -9.03
CA VAL D 231 -38.53 -4.65 -7.69
C VAL D 231 -39.70 -5.62 -7.67
N ARG D 232 -40.40 -5.72 -8.81
CA ARG D 232 -41.55 -6.61 -8.89
C ARG D 232 -41.23 -8.08 -9.06
N CYS D 233 -40.16 -8.43 -9.75
CA CYS D 233 -39.85 -9.85 -9.86
C CYS D 233 -39.02 -10.18 -8.63
N TYR D 234 -39.54 -9.74 -7.50
CA TYR D 234 -38.92 -9.91 -6.18
C TYR D 234 -40.08 -10.08 -5.19
N GLN D 235 -41.12 -9.27 -5.38
CA GLN D 235 -42.34 -9.33 -4.56
C GLN D 235 -43.53 -9.15 -5.50
N GLU D 236 -43.62 -10.03 -6.49
CA GLU D 236 -44.68 -9.98 -7.49
C GLU D 236 -46.10 -9.75 -6.96
N ASP D 237 -46.52 -10.52 -5.97
CA ASP D 237 -47.86 -10.36 -5.43
C ASP D 237 -48.04 -9.07 -4.63
N ASP D 238 -49.16 -8.99 -3.92
CA ASP D 238 -49.50 -7.81 -3.12
C ASP D 238 -49.61 -8.14 -1.63
N SER D 239 -49.14 -9.32 -1.24
CA SER D 239 -49.20 -9.77 0.14
C SER D 239 -48.98 -8.69 1.19
N VAL D 240 -47.88 -7.95 1.05
CA VAL D 240 -47.56 -6.91 2.01
C VAL D 240 -47.24 -5.58 1.34
N PRO D 241 -47.17 -4.51 2.14
CA PRO D 241 -46.87 -3.18 1.63
C PRO D 241 -45.46 -3.03 1.09
N ILE D 242 -45.29 -1.96 0.35
CA ILE D 242 -44.02 -1.60 -0.23
C ILE D 242 -43.79 -0.19 0.28
N CYS D 243 -42.70 -0.01 1.01
CA CYS D 243 -42.36 1.29 1.54
C CYS D 243 -41.47 2.04 0.55
N ILE D 244 -42.08 3.03 -0.11
CA ILE D 244 -41.38 3.86 -1.09
C ILE D 244 -41.20 5.23 -0.44
N HIS D 245 -40.12 5.93 -0.76
CA HIS D 245 -39.93 7.23 -0.15
C HIS D 245 -39.00 8.16 -0.92
N SER D 246 -39.30 9.46 -0.85
CA SER D 246 -38.49 10.50 -1.48
C SER D 246 -38.10 11.33 -0.27
N SER D 247 -37.44 12.46 -0.48
CA SER D 247 -37.06 13.26 0.67
C SER D 247 -38.28 13.68 1.46
N ALA D 248 -39.40 13.79 0.78
CA ALA D 248 -40.64 14.18 1.43
C ALA D 248 -41.73 13.12 1.30
N GLY D 249 -41.58 12.27 0.29
CA GLY D 249 -42.56 11.21 0.06
C GLY D 249 -43.76 11.76 -0.69
N CYS D 250 -43.48 12.50 -1.75
CA CYS D 250 -44.52 13.08 -2.58
C CYS D 250 -44.03 13.02 -4.00
N GLY D 251 -43.14 13.94 -4.33
CA GLY D 251 -42.60 14.01 -5.66
C GLY D 251 -42.20 12.69 -6.28
N ARG D 252 -40.91 12.39 -6.24
CA ARG D 252 -40.40 11.16 -6.82
C ARG D 252 -41.08 9.91 -6.28
N THR D 253 -41.79 10.05 -5.18
CA THR D 253 -42.48 8.91 -4.58
C THR D 253 -43.67 8.50 -5.45
N GLY D 254 -44.69 9.36 -5.48
CA GLY D 254 -45.90 9.10 -6.26
C GLY D 254 -45.63 8.73 -7.72
N VAL D 255 -44.48 9.12 -8.23
CA VAL D 255 -44.15 8.81 -9.61
C VAL D 255 -43.91 7.32 -9.78
N ILE D 256 -43.23 6.70 -8.81
CA ILE D 256 -42.95 5.28 -8.88
C ILE D 256 -44.23 4.49 -8.61
N CYS D 257 -45.09 5.05 -7.75
CA CYS D 257 -46.36 4.41 -7.43
C CYS D 257 -47.20 4.33 -8.70
N ALA D 258 -47.58 5.50 -9.21
CA ALA D 258 -48.40 5.59 -10.40
C ALA D 258 -47.87 4.73 -11.53
N ILE D 259 -46.55 4.71 -11.71
CA ILE D 259 -45.94 3.92 -12.79
C ILE D 259 -46.09 2.41 -12.62
N ASP D 260 -46.03 1.93 -11.39
CA ASP D 260 -46.15 0.50 -11.14
C ASP D 260 -47.61 0.04 -11.20
N TYR D 261 -48.47 0.83 -10.57
CA TYR D 261 -49.89 0.56 -10.54
C TYR D 261 -50.35 0.32 -11.99
N THR D 262 -49.91 1.19 -12.88
CA THR D 262 -50.24 1.10 -14.30
C THR D 262 -49.56 -0.13 -14.86
N TRP D 263 -48.39 -0.44 -14.30
CA TRP D 263 -47.58 -1.58 -14.69
C TRP D 263 -48.32 -2.86 -14.30
N MET D 264 -49.00 -2.81 -13.16
CA MET D 264 -49.78 -3.95 -12.68
C MET D 264 -50.93 -4.27 -13.63
N LEU D 265 -51.71 -3.25 -13.96
CA LEU D 265 -52.86 -3.40 -14.84
C LEU D 265 -52.48 -4.11 -16.14
N LEU D 266 -51.42 -3.66 -16.79
CA LEU D 266 -50.99 -4.28 -18.04
C LEU D 266 -50.62 -5.74 -17.84
N LYS D 267 -49.78 -6.03 -16.85
CA LYS D 267 -49.34 -7.38 -16.57
C LYS D 267 -50.50 -8.33 -16.44
N ASP D 268 -51.61 -7.81 -15.94
CA ASP D 268 -52.82 -8.59 -15.78
C ASP D 268 -53.86 -7.92 -16.68
N GLY D 269 -53.63 -8.01 -17.98
CA GLY D 269 -54.52 -7.42 -18.97
C GLY D 269 -55.85 -6.91 -18.47
N ILE D 270 -55.87 -5.71 -17.91
CA ILE D 270 -57.10 -5.10 -17.40
C ILE D 270 -57.01 -3.58 -17.39
N ILE D 271 -56.34 -3.01 -18.39
CA ILE D 271 -56.23 -1.56 -18.48
C ILE D 271 -57.61 -0.99 -18.77
N PRO D 272 -58.14 -0.14 -17.87
CA PRO D 272 -59.46 0.48 -18.06
C PRO D 272 -59.59 1.03 -19.47
N GLU D 273 -60.59 0.57 -20.20
CA GLU D 273 -60.80 1.03 -21.57
C GLU D 273 -60.71 2.56 -21.63
N ASN D 274 -61.06 3.21 -20.52
CA ASN D 274 -61.03 4.67 -20.42
C ASN D 274 -59.94 5.16 -19.47
N PHE D 275 -58.74 4.59 -19.59
CA PHE D 275 -57.62 4.94 -18.72
C PHE D 275 -57.10 6.36 -18.92
N SER D 276 -56.86 7.05 -17.80
CA SER D 276 -56.36 8.40 -17.86
C SER D 276 -55.41 8.59 -16.68
N VAL D 277 -54.15 8.93 -16.98
CA VAL D 277 -53.16 9.13 -15.94
C VAL D 277 -53.66 10.22 -14.99
N PHE D 278 -54.31 11.22 -15.55
CA PHE D 278 -54.81 12.33 -14.74
C PHE D 278 -55.61 11.77 -13.58
N SER D 279 -56.44 10.78 -13.89
CA SER D 279 -57.30 10.14 -12.90
C SER D 279 -56.52 9.31 -11.90
N LEU D 280 -55.67 8.42 -12.41
CA LEU D 280 -54.84 7.57 -11.56
C LEU D 280 -54.18 8.40 -10.48
N ILE D 281 -53.61 9.52 -10.91
CA ILE D 281 -52.93 10.43 -10.00
C ILE D 281 -53.98 11.04 -9.08
N ARG D 282 -54.92 11.76 -9.66
CA ARG D 282 -55.98 12.42 -8.92
C ARG D 282 -56.44 11.59 -7.72
N GLU D 283 -56.45 10.27 -7.85
CA GLU D 283 -56.89 9.44 -6.75
C GLU D 283 -55.89 9.39 -5.60
N MET D 284 -54.68 8.90 -5.88
CA MET D 284 -53.65 8.80 -4.86
C MET D 284 -53.61 9.98 -3.89
N ARG D 285 -53.39 11.18 -4.40
CA ARG D 285 -53.32 12.40 -3.58
C ARG D 285 -54.42 12.45 -2.53
N THR D 286 -55.52 11.75 -2.78
CA THR D 286 -56.63 11.73 -1.83
C THR D 286 -56.26 10.85 -0.64
N GLN D 287 -55.24 10.01 -0.83
CA GLN D 287 -54.77 9.13 0.23
C GLN D 287 -53.45 9.67 0.77
N ARG D 288 -52.66 10.31 -0.10
CA ARG D 288 -51.38 10.88 0.29
C ARG D 288 -51.21 12.25 -0.36
N PRO D 289 -51.33 13.31 0.44
CA PRO D 289 -51.22 14.70 -0.01
C PRO D 289 -50.04 15.00 -0.92
N SER D 290 -50.30 15.78 -1.96
CA SER D 290 -49.29 16.18 -2.91
C SER D 290 -48.68 15.08 -3.78
N LEU D 291 -49.18 13.85 -3.67
CA LEU D 291 -48.62 12.78 -4.48
C LEU D 291 -48.45 13.36 -5.89
N VAL D 292 -47.22 13.33 -6.39
CA VAL D 292 -46.86 13.92 -7.69
C VAL D 292 -46.93 15.42 -7.43
N GLN D 293 -45.75 16.02 -7.29
CA GLN D 293 -45.60 17.44 -6.97
C GLN D 293 -45.31 18.39 -8.12
N THR D 294 -44.60 17.93 -9.14
CA THR D 294 -44.26 18.82 -10.25
C THR D 294 -44.72 18.42 -11.65
N GLN D 295 -45.07 19.44 -12.42
CA GLN D 295 -45.53 19.26 -13.80
C GLN D 295 -44.55 18.35 -14.55
N GLU D 296 -43.27 18.50 -14.25
CA GLU D 296 -42.23 17.71 -14.90
C GLU D 296 -42.36 16.23 -14.54
N GLN D 297 -42.71 15.96 -13.29
CA GLN D 297 -42.88 14.59 -12.82
C GLN D 297 -44.12 13.98 -13.47
N TYR D 298 -45.23 14.71 -13.40
CA TYR D 298 -46.49 14.27 -14.00
C TYR D 298 -46.23 13.90 -15.47
N GLU D 299 -45.51 14.75 -16.18
CA GLU D 299 -45.20 14.51 -17.58
C GLU D 299 -44.30 13.26 -17.69
N LEU D 300 -43.44 13.07 -16.68
CA LEU D 300 -42.55 11.90 -16.64
C LEU D 300 -43.36 10.61 -16.49
N VAL D 301 -44.35 10.64 -15.60
CA VAL D 301 -45.22 9.49 -15.35
C VAL D 301 -45.87 9.10 -16.68
N TYR D 302 -46.59 10.06 -17.26
CA TYR D 302 -47.28 9.91 -18.54
C TYR D 302 -46.35 9.29 -19.59
N ASN D 303 -45.21 9.93 -19.81
CA ASN D 303 -44.23 9.46 -20.78
C ASN D 303 -43.68 8.07 -20.46
N ALA D 304 -43.68 7.73 -19.18
CA ALA D 304 -43.21 6.43 -18.74
C ALA D 304 -44.29 5.46 -19.18
N VAL D 305 -45.48 5.68 -18.65
CA VAL D 305 -46.66 4.87 -18.95
C VAL D 305 -46.76 4.63 -20.44
N LEU D 306 -46.67 5.71 -21.22
CA LEU D 306 -46.77 5.62 -22.66
C LEU D 306 -45.70 4.71 -23.23
N GLU D 307 -44.57 4.63 -22.54
CA GLU D 307 -43.46 3.79 -22.98
C GLU D 307 -43.76 2.34 -22.68
N LEU D 308 -44.54 2.10 -21.64
CA LEU D 308 -44.90 0.73 -21.27
C LEU D 308 -45.89 0.22 -22.33
N PHE D 309 -46.96 0.99 -22.53
CA PHE D 309 -47.98 0.66 -23.52
C PHE D 309 -47.32 0.33 -24.85
N LYS D 310 -46.42 1.21 -25.28
CA LYS D 310 -45.71 0.98 -26.53
C LYS D 310 -44.86 -0.30 -26.46
N ARG D 311 -44.51 -0.72 -25.25
CA ARG D 311 -43.72 -1.95 -25.09
C ARG D 311 -44.65 -3.17 -25.14
N GLN D 312 -45.87 -2.96 -25.63
CA GLN D 312 -46.87 -4.01 -25.74
C GLN D 312 -47.29 -4.13 -27.20
N MET D 313 -46.41 -4.68 -28.02
CA MET D 313 -46.68 -4.86 -29.45
C MET D 313 -48.06 -5.47 -29.72
N ASP E 1 22.43 -21.94 -15.10
CA ASP E 1 21.74 -22.73 -14.04
C ASP E 1 21.05 -23.92 -14.72
N GLY E 2 21.67 -24.40 -15.79
CA GLY E 2 21.13 -25.50 -16.58
C GLY E 2 20.94 -26.87 -15.94
N GLU E 3 20.31 -26.93 -14.76
CA GLU E 3 20.06 -28.22 -14.11
C GLU E 3 18.61 -28.63 -14.40
N GLU E 4 17.99 -27.94 -15.35
CA GLU E 4 16.60 -28.18 -15.74
C GLU E 4 15.66 -27.73 -14.63
N PTR E 5 14.86 -26.72 -14.94
CA PTR E 5 13.93 -26.15 -13.97
C PTR E 5 12.97 -27.24 -13.51
O PTR E 5 12.49 -27.23 -12.38
CB PTR E 5 13.18 -24.96 -14.60
CG PTR E 5 12.22 -24.25 -13.67
CD1 PTR E 5 12.70 -23.68 -12.49
CD2 PTR E 5 10.87 -24.07 -13.99
CE1 PTR E 5 11.88 -22.93 -11.66
CE2 PTR E 5 10.03 -23.30 -13.16
CZ PTR E 5 10.56 -22.74 -11.99
OH PTR E 5 9.82 -21.96 -11.13
P PTR E 5 9.76 -20.31 -11.25
O1P PTR E 5 8.67 -19.84 -10.37
O2P PTR E 5 9.49 -19.90 -12.64
O3P PTR E 5 11.04 -19.72 -10.78
N ASP E 6 12.72 -28.20 -14.40
CA ASP E 6 11.85 -29.33 -14.10
C ASP E 6 12.59 -30.49 -13.45
N ASP E 7 12.76 -30.38 -12.15
CA ASP E 7 13.39 -31.41 -11.36
C ASP E 7 12.65 -31.57 -10.02
N PRO E 8 11.36 -31.17 -9.97
CA PRO E 8 10.64 -31.33 -8.71
C PRO E 8 9.30 -32.06 -8.89
N PHE E 9 9.07 -33.08 -8.07
CA PHE E 9 7.82 -33.85 -8.07
C PHE E 9 7.16 -34.07 -9.44
N ASP F 1 36.72 -5.89 -20.88
CA ASP F 1 36.33 -4.93 -19.80
C ASP F 1 37.44 -4.84 -18.77
N GLY F 2 37.07 -4.61 -17.51
CA GLY F 2 38.03 -4.48 -16.43
C GLY F 2 39.14 -5.51 -16.37
N GLU F 3 40.17 -5.34 -17.18
CA GLU F 3 41.32 -6.25 -17.21
C GLU F 3 42.61 -5.46 -17.09
N GLU F 4 42.62 -4.52 -16.15
CA GLU F 4 43.75 -3.64 -15.82
C GLU F 4 43.22 -2.71 -14.74
N PTR F 5 43.45 -3.09 -13.48
CA PTR F 5 42.96 -2.32 -12.35
C PTR F 5 43.47 -0.88 -12.41
O PTR F 5 42.76 0.05 -12.04
CB PTR F 5 43.37 -2.98 -11.02
CG PTR F 5 42.87 -2.22 -9.80
CD1 PTR F 5 41.50 -2.02 -9.61
CD2 PTR F 5 43.74 -1.76 -8.83
CE1 PTR F 5 41.02 -1.38 -8.48
CE2 PTR F 5 43.26 -1.11 -7.69
CZ PTR F 5 41.89 -0.93 -7.53
OH PTR F 5 41.39 -0.36 -6.40
P PTR F 5 40.96 -1.28 -5.10
O1P PTR F 5 41.08 -0.46 -3.89
O2P PTR F 5 41.86 -2.46 -5.00
O3P PTR F 5 39.55 -1.74 -5.24
N ASP F 6 44.72 -0.70 -12.86
CA ASP F 6 45.22 0.66 -13.01
C ASP F 6 45.46 1.03 -14.44
N ASP F 7 44.44 1.57 -15.02
CA ASP F 7 44.38 2.02 -16.39
C ASP F 7 42.88 1.91 -16.57
N PRO F 8 42.18 3.02 -16.29
CA PRO F 8 42.91 4.18 -15.83
C PRO F 8 42.26 4.81 -14.59
N PHE F 9 41.33 5.74 -14.84
CA PHE F 9 40.60 6.48 -13.81
C PHE F 9 41.44 7.72 -13.47
N ASP G 1 -26.47 10.28 23.87
CA ASP G 1 -25.95 9.08 23.15
C ASP G 1 -24.52 8.76 23.56
N GLY G 2 -24.37 8.12 24.71
CA GLY G 2 -23.04 7.75 25.20
C GLY G 2 -22.11 8.94 25.26
N GLU G 3 -21.97 9.42 26.53
CA GLU G 3 -21.08 10.56 26.66
C GLU G 3 -19.62 10.31 27.03
N GLU G 4 -19.28 9.09 27.45
CA GLU G 4 -17.91 8.80 27.84
C GLU G 4 -17.10 7.91 26.90
N PTR G 5 -15.94 8.42 26.52
CA PTR G 5 -15.06 7.76 25.58
C PTR G 5 -14.02 6.85 26.23
O PTR G 5 -13.47 5.95 25.59
CB PTR G 5 -14.36 8.83 24.73
CG PTR G 5 -13.42 8.28 23.68
CD1 PTR G 5 -13.89 7.43 22.68
CD2 PTR G 5 -12.07 8.63 23.66
CE1 PTR G 5 -13.05 6.96 21.68
CE2 PTR G 5 -11.22 8.17 22.66
CZ PTR G 5 -11.72 7.34 21.67
OH PTR G 5 -10.93 6.89 20.64
P PTR G 5 -10.78 7.69 19.19
O1P PTR G 5 -9.71 7.03 18.43
O2P PTR G 5 -10.42 9.12 19.43
O3P PTR G 5 -12.05 7.61 18.44
N ASP G 6 -13.75 7.09 27.53
CA ASP G 6 -12.76 6.29 28.25
C ASP G 6 -13.37 4.98 28.72
N ASP G 7 -14.62 5.07 29.16
CA ASP G 7 -15.36 3.93 29.65
C ASP G 7 -16.09 3.24 28.50
N PRO G 8 -15.77 1.96 28.25
CA PRO G 8 -14.81 1.13 28.97
C PRO G 8 -13.96 0.36 27.94
N PHE G 9 -13.47 1.07 26.92
CA PHE G 9 -12.66 0.43 25.88
C PHE G 9 -13.50 -0.65 25.18
N ASP H 1 -32.09 24.93 7.24
CA ASP H 1 -33.13 24.94 6.18
C ASP H 1 -34.56 24.81 6.74
N GLY H 2 -35.18 25.97 7.03
CA GLY H 2 -36.54 26.00 7.55
C GLY H 2 -37.49 25.19 6.69
N GLU H 3 -38.28 24.33 7.34
CA GLU H 3 -39.23 23.44 6.66
C GLU H 3 -40.24 24.05 5.67
N GLU H 4 -40.42 23.36 4.55
CA GLU H 4 -41.36 23.72 3.45
C GLU H 4 -40.91 23.07 2.13
N PTR H 5 -41.67 22.08 1.67
CA PTR H 5 -41.34 21.33 0.45
C PTR H 5 -41.90 21.84 -0.88
O PTR H 5 -41.38 21.46 -1.94
CB PTR H 5 -41.71 19.86 0.66
CG PTR H 5 -41.42 18.96 -0.53
CD1 PTR H 5 -40.12 18.83 -1.02
CD2 PTR H 5 -42.41 18.15 -1.09
CE1 PTR H 5 -39.81 17.94 -2.02
CE2 PTR H 5 -42.09 17.23 -2.10
CZ PTR H 5 -40.79 17.13 -2.56
OH PTR H 5 -40.44 16.21 -3.51
P PTR H 5 -39.92 14.68 -3.13
O1P PTR H 5 -39.73 13.94 -4.39
O2P PTR H 5 -40.92 13.99 -2.31
O3P PTR H 5 -38.63 14.73 -2.37
N ASP H 6 -42.90 22.50 -0.84
CA ASP H 6 -43.49 23.18 -2.01
C ASP H 6 -42.57 24.25 -2.63
N ASP H 7 -41.34 24.31 -2.14
CA ASP H 7 -40.33 25.26 -2.63
C ASP H 7 -39.12 24.39 -2.97
N PRO H 8 -39.28 23.46 -3.95
CA PRO H 8 -38.26 22.51 -4.42
C PRO H 8 -37.08 23.08 -5.19
#